data_5LVP
#
_entry.id   5LVP
#
_cell.length_a   47.830
_cell.length_b   168.510
_cell.length_c   94.880
_cell.angle_alpha   90.00
_cell.angle_beta   93.06
_cell.angle_gamma   90.00
#
_symmetry.space_group_name_H-M   'P 1 21 1'
#
loop_
_entity.id
_entity.type
_entity.pdbx_description
1 polymer '3-phosphoinositide-dependent protein kinase 1'
2 polymer 'hydrophobic-motif peptide of PKB/Akt'
3 non-polymer "ADENOSINE-5'-TRIPHOSPHATE"
4 non-polymer 'CHLORIDE ION'
5 water water
#
loop_
_entity_poly.entity_id
_entity_poly.type
_entity_poly.pdbx_seq_one_letter_code
_entity_poly.pdbx_strand_id
1 'polypeptide(L)'
;GAMDGTAAEPRPGAGSLQHAQPPPQPRKKRPEDFKFGKILGEGSFSTVVLARELATSREYAIKILEKRHIIKENKVPYVT
RERDVMSRLDHPFFVKLYFTFQDDEKLYFGLSYAKNGELLKYIRKIGSFDETCTRFYTAEIVSALEYLHGKGIIHRDLKP
ENILLNEDMHIQITDFGTAKVLSPESKQARAN(SEP)FVGTAQYVSPELLTEKSACKSSDLWALGCIIYQLVAGLPPFRA
GNEGLIFAKIIKLEYDFPEKFFPKARDLVEKLLVLDATKRLGCEEMEGYGPLKAHPFFESVTWENLHQQTPPKLT
;
A,B,C,D
2 'polypeptide(L)' KGAGGGGFPQF(SEP)YSA E,F,G,H
#
loop_
_chem_comp.id
_chem_comp.type
_chem_comp.name
_chem_comp.formula
ATP non-polymer ADENOSINE-5'-TRIPHOSPHATE 'C10 H16 N5 O13 P3'
CL non-polymer 'CHLORIDE ION' 'Cl -1'
#
# COMPACT_ATOMS: atom_id res chain seq x y z
N ARG A 27 32.86 9.26 -16.65
CA ARG A 27 32.78 9.42 -18.11
C ARG A 27 31.59 10.29 -18.46
N LYS A 28 31.82 11.30 -19.30
CA LYS A 28 30.79 12.26 -19.63
C LYS A 28 29.67 11.58 -20.43
N LYS A 29 28.43 11.85 -20.03
CA LYS A 29 27.25 11.28 -20.67
C LYS A 29 27.05 11.89 -22.06
N ARG A 30 26.18 11.26 -22.84
CA ARG A 30 25.82 11.73 -24.18
C ARG A 30 24.33 11.48 -24.41
N PRO A 31 23.68 12.27 -25.28
CA PRO A 31 22.24 12.05 -25.50
C PRO A 31 21.90 10.62 -25.90
N GLU A 32 22.75 10.02 -26.71
CA GLU A 32 22.52 8.65 -27.16
C GLU A 32 22.54 7.65 -26.01
N ASP A 33 23.11 8.00 -24.86
CA ASP A 33 23.05 7.10 -23.71
C ASP A 33 21.65 6.96 -23.13
N PHE A 34 20.67 7.70 -23.66
CA PHE A 34 19.35 7.76 -23.04
C PHE A 34 18.26 7.49 -24.05
N LYS A 35 17.13 7.07 -23.53
CA LYS A 35 15.88 6.95 -24.27
C LYS A 35 14.96 8.00 -23.67
N PHE A 36 14.60 9.00 -24.47
CA PHE A 36 13.75 10.08 -24.02
C PHE A 36 12.30 9.67 -24.19
N GLY A 37 11.50 9.95 -23.17
CA GLY A 37 10.10 9.61 -23.18
C GLY A 37 9.24 10.86 -23.15
N LYS A 38 8.27 10.92 -22.24
CA LYS A 38 7.27 11.98 -22.29
C LYS A 38 7.85 13.35 -21.88
N ILE A 39 7.33 14.40 -22.52
CA ILE A 39 7.65 15.78 -22.16
C ILE A 39 7.08 16.07 -20.77
N LEU A 40 7.95 16.39 -19.81
CA LEU A 40 7.44 16.66 -18.48
C LEU A 40 6.94 18.08 -18.33
N GLY A 41 7.46 19.00 -19.14
CA GLY A 41 7.11 20.40 -19.02
C GLY A 41 8.04 21.23 -19.88
N GLU A 42 7.66 22.49 -20.05
CA GLU A 42 8.42 23.45 -20.84
C GLU A 42 8.47 24.77 -20.10
N GLY A 43 9.63 25.42 -20.16
CA GLY A 43 9.80 26.77 -19.70
C GLY A 43 9.90 27.75 -20.86
N SER A 44 10.20 28.99 -20.52
CA SER A 44 10.40 30.02 -21.54
C SER A 44 11.48 29.60 -22.53
N PHE A 45 12.60 29.08 -22.02
CA PHE A 45 13.74 28.69 -22.83
C PHE A 45 14.26 27.33 -22.37
N SER A 46 13.42 26.30 -22.48
CA SER A 46 13.82 24.98 -21.99
C SER A 46 12.82 23.92 -22.44
N THR A 47 13.28 22.67 -22.36
CA THR A 47 12.39 21.52 -22.37
C THR A 47 12.87 20.56 -21.28
N VAL A 48 11.92 19.95 -20.56
CA VAL A 48 12.21 18.95 -19.53
C VAL A 48 11.53 17.66 -19.92
N VAL A 49 12.31 16.61 -20.18
CA VAL A 49 11.73 15.34 -20.61
C VAL A 49 12.18 14.20 -19.70
N LEU A 50 11.28 13.27 -19.48
CA LEU A 50 11.57 12.05 -18.76
C LEU A 50 12.46 11.16 -19.61
N ALA A 51 13.51 10.62 -19.02
CA ALA A 51 14.45 9.85 -19.83
C ALA A 51 14.99 8.70 -18.99
N ARG A 52 15.22 7.57 -19.65
CA ARG A 52 15.79 6.39 -19.02
C ARG A 52 17.22 6.21 -19.49
N GLU A 53 18.15 6.09 -18.54
CA GLU A 53 19.52 5.75 -18.88
C GLU A 53 19.57 4.26 -19.26
N LEU A 54 20.10 3.96 -20.45
CA LEU A 54 19.99 2.60 -20.96
C LEU A 54 20.84 1.62 -20.15
N ALA A 55 22.04 2.03 -19.74
CA ALA A 55 22.94 1.11 -19.03
C ALA A 55 22.41 0.74 -17.64
N THR A 56 21.66 1.63 -16.98
CA THR A 56 21.24 1.42 -15.61
C THR A 56 19.73 1.26 -15.44
N SER A 57 18.95 1.63 -16.44
CA SER A 57 17.49 1.73 -16.39
C SER A 57 16.99 2.83 -15.47
N ARG A 58 17.88 3.65 -14.89
CA ARG A 58 17.45 4.77 -14.05
C ARG A 58 16.65 5.81 -14.84
N GLU A 59 15.63 6.37 -14.21
CA GLU A 59 14.84 7.46 -14.75
C GLU A 59 15.38 8.81 -14.31
N TYR A 60 15.40 9.77 -15.23
CA TYR A 60 15.76 11.14 -14.93
C TYR A 60 14.82 12.09 -15.65
N ALA A 61 14.57 13.21 -15.00
CA ALA A 61 14.03 14.39 -15.67
C ALA A 61 15.23 15.14 -16.23
N ILE A 62 15.28 15.31 -17.53
CA ILE A 62 16.44 15.93 -18.18
C ILE A 62 15.97 17.27 -18.72
N LYS A 63 16.55 18.35 -18.21
CA LYS A 63 16.19 19.70 -18.62
C LYS A 63 17.11 20.09 -19.76
N ILE A 64 16.53 20.40 -20.91
CA ILE A 64 17.31 20.59 -22.14
C ILE A 64 17.20 22.06 -22.55
N LEU A 65 18.34 22.67 -22.85
CA LEU A 65 18.43 24.10 -23.12
C LEU A 65 19.03 24.35 -24.49
N GLU A 66 18.36 25.17 -25.28
CA GLU A 66 18.89 25.56 -26.58
C GLU A 66 20.06 26.51 -26.38
N LYS A 67 21.24 26.13 -26.88
CA LYS A 67 22.41 27.00 -26.77
C LYS A 67 22.15 28.37 -27.40
N ARG A 68 21.58 28.39 -28.61
CA ARG A 68 21.32 29.65 -29.31
C ARG A 68 20.56 30.63 -28.44
N HIS A 69 19.36 30.24 -27.98
CA HIS A 69 18.53 31.13 -27.17
C HIS A 69 19.30 31.67 -25.96
N ILE A 70 20.08 30.81 -25.32
CA ILE A 70 20.83 31.21 -24.13
C ILE A 70 21.89 32.26 -24.47
N ILE A 71 22.43 32.21 -25.67
CA ILE A 71 23.44 33.20 -26.06
C ILE A 71 22.79 34.49 -26.54
N LYS A 72 21.60 34.42 -27.15
CA LYS A 72 20.92 35.63 -27.58
C LYS A 72 20.42 36.47 -26.40
N GLU A 73 20.46 35.96 -25.17
CA GLU A 73 19.98 36.69 -24.01
C GLU A 73 21.04 36.79 -22.90
N ASN A 74 22.30 36.52 -23.21
CA ASN A 74 23.42 36.62 -22.27
C ASN A 74 23.11 35.89 -20.96
N LYS A 75 22.91 34.58 -21.06
CA LYS A 75 22.64 33.76 -19.89
C LYS A 75 23.73 32.72 -19.64
N VAL A 76 24.86 32.81 -20.34
CA VAL A 76 25.93 31.83 -20.15
C VAL A 76 26.43 31.81 -18.70
N PRO A 77 26.70 32.96 -18.03
CA PRO A 77 26.97 32.89 -16.60
C PRO A 77 25.79 32.32 -15.86
N TYR A 78 24.62 32.95 -16.04
CA TYR A 78 23.38 32.57 -15.38
C TYR A 78 23.15 31.06 -15.40
N VAL A 79 23.37 30.42 -16.55
CA VAL A 79 23.25 28.98 -16.64
C VAL A 79 24.31 28.29 -15.80
N THR A 80 25.56 28.79 -15.84
CA THR A 80 26.63 28.14 -15.08
C THR A 80 26.37 28.24 -13.58
N ARG A 81 25.87 29.41 -13.13
CA ARG A 81 25.53 29.57 -11.73
C ARG A 81 24.48 28.55 -11.30
N GLU A 82 23.45 28.33 -12.13
CA GLU A 82 22.47 27.31 -11.80
C GLU A 82 23.10 25.93 -11.74
N ARG A 83 24.04 25.64 -12.65
CA ARG A 83 24.74 24.36 -12.57
C ARG A 83 25.52 24.28 -11.28
N ASP A 84 26.30 25.33 -10.98
CA ASP A 84 27.13 25.31 -9.78
C ASP A 84 26.30 25.17 -8.51
N VAL A 85 25.27 26.03 -8.36
CA VAL A 85 24.44 26.00 -7.15
C VAL A 85 23.83 24.62 -6.95
N MET A 86 23.24 24.04 -8.00
CA MET A 86 22.59 22.76 -7.80
C MET A 86 23.60 21.66 -7.51
N SER A 87 24.83 21.80 -8.00
CA SER A 87 25.83 20.76 -7.76
C SER A 87 26.31 20.75 -6.31
N ARG A 88 25.95 21.75 -5.52
CA ARG A 88 26.27 21.79 -4.09
C ARG A 88 25.11 21.32 -3.22
N LEU A 89 24.05 20.79 -3.82
CA LEU A 89 22.84 20.43 -3.10
C LEU A 89 22.70 18.91 -3.07
N ASP A 90 23.13 18.30 -1.96
CA ASP A 90 22.94 16.87 -1.75
C ASP A 90 22.15 16.65 -0.46
N HIS A 91 20.85 16.91 -0.53
CA HIS A 91 19.94 16.79 0.59
C HIS A 91 18.63 16.24 0.04
N PRO A 92 17.95 15.38 0.79
CA PRO A 92 16.74 14.73 0.24
C PRO A 92 15.57 15.66 -0.09
N PHE A 93 15.59 16.95 0.28
CA PHE A 93 14.47 17.83 -0.06
C PHE A 93 14.79 18.79 -1.20
N PHE A 94 15.92 18.62 -1.87
CA PHE A 94 16.21 19.38 -3.08
C PHE A 94 16.39 18.43 -4.27
N VAL A 95 15.89 18.86 -5.44
CA VAL A 95 16.16 18.18 -6.71
C VAL A 95 17.66 18.01 -6.90
N LYS A 96 18.12 16.76 -7.02
CA LYS A 96 19.53 16.48 -7.25
C LYS A 96 19.92 16.70 -8.72
N LEU A 97 21.05 17.38 -8.94
CA LEU A 97 21.74 17.38 -10.23
C LEU A 97 22.70 16.20 -10.26
N TYR A 98 22.42 15.23 -11.12
CA TYR A 98 23.31 14.09 -11.27
C TYR A 98 24.39 14.30 -12.32
N PHE A 99 24.09 15.03 -13.39
CA PHE A 99 25.09 15.22 -14.44
C PHE A 99 24.65 16.34 -15.34
N THR A 100 25.61 16.89 -16.08
CA THR A 100 25.35 17.78 -17.20
C THR A 100 26.16 17.32 -18.39
N PHE A 101 25.69 17.65 -19.59
CA PHE A 101 26.46 17.40 -20.80
C PHE A 101 25.86 18.24 -21.93
N GLN A 102 26.54 18.22 -23.08
CA GLN A 102 26.14 19.07 -24.20
C GLN A 102 26.47 18.37 -25.51
N ASP A 103 25.94 18.93 -26.59
CA ASP A 103 26.32 18.53 -27.94
C ASP A 103 26.37 19.79 -28.80
N ASP A 104 25.94 19.70 -30.05
CA ASP A 104 26.07 20.86 -30.93
C ASP A 104 25.04 21.95 -30.61
N GLU A 105 23.81 21.57 -30.28
CA GLU A 105 22.75 22.55 -30.08
C GLU A 105 22.23 22.65 -28.65
N LYS A 106 22.52 21.69 -27.77
CA LYS A 106 21.80 21.63 -26.50
C LYS A 106 22.74 21.52 -25.32
N LEU A 107 22.31 22.12 -24.20
CA LEU A 107 22.81 21.81 -22.85
C LEU A 107 21.81 20.90 -22.15
N TYR A 108 22.33 19.87 -21.49
CA TYR A 108 21.50 18.86 -20.82
C TYR A 108 21.82 18.85 -19.33
N PHE A 109 20.77 18.77 -18.51
CA PHE A 109 20.85 18.77 -17.05
C PHE A 109 20.15 17.53 -16.54
N GLY A 110 20.92 16.61 -15.95
CA GLY A 110 20.36 15.40 -15.37
C GLY A 110 19.80 15.65 -13.98
N LEU A 111 18.48 15.64 -13.84
CA LEU A 111 17.81 15.99 -12.60
C LEU A 111 17.05 14.79 -12.05
N SER A 112 16.96 14.72 -10.72
CA SER A 112 16.06 13.73 -10.14
C SER A 112 14.63 14.02 -10.55
N TYR A 113 13.86 12.96 -10.71
CA TYR A 113 12.52 13.05 -11.28
C TYR A 113 11.50 13.14 -10.16
N ALA A 114 10.73 14.22 -10.17
CA ALA A 114 9.70 14.46 -9.16
C ALA A 114 8.36 14.08 -9.78
N LYS A 115 7.92 12.85 -9.51
CA LYS A 115 6.83 12.26 -10.27
C LYS A 115 5.50 12.99 -10.05
N ASN A 116 5.31 13.62 -8.89
CA ASN A 116 3.98 14.08 -8.51
C ASN A 116 3.79 15.57 -8.66
N GLY A 117 4.72 16.27 -9.28
CA GLY A 117 4.50 17.63 -9.68
C GLY A 117 4.63 18.65 -8.56
N GLU A 118 4.14 19.86 -8.87
CA GLU A 118 4.22 21.02 -8.00
C GLU A 118 3.27 20.93 -6.82
N LEU A 119 3.72 21.47 -5.69
CA LEU A 119 2.84 21.58 -4.53
C LEU A 119 1.62 22.45 -4.85
N LEU A 120 1.81 23.49 -5.66
CA LEU A 120 0.70 24.36 -6.03
C LEU A 120 -0.51 23.56 -6.52
N LYS A 121 -0.25 22.48 -7.25
CA LYS A 121 -1.33 21.63 -7.76
C LYS A 121 -2.18 21.07 -6.63
N TYR A 122 -1.56 20.67 -5.51
CA TYR A 122 -2.35 20.07 -4.44
C TYR A 122 -3.11 21.12 -3.65
N ILE A 123 -2.53 22.30 -3.47
CA ILE A 123 -3.26 23.41 -2.87
C ILE A 123 -4.53 23.70 -3.68
N ARG A 124 -4.40 23.77 -5.01
CA ARG A 124 -5.58 24.00 -5.84
C ARG A 124 -6.56 22.83 -5.76
N LYS A 125 -6.03 21.60 -5.81
CA LYS A 125 -6.88 20.42 -5.87
C LYS A 125 -7.74 20.32 -4.61
N ILE A 126 -7.12 20.39 -3.43
CA ILE A 126 -7.87 20.18 -2.21
C ILE A 126 -8.28 21.48 -1.53
N GLY A 127 -7.85 22.64 -2.05
CA GLY A 127 -8.27 23.90 -1.45
C GLY A 127 -7.31 24.41 -0.39
N SER A 128 -7.24 23.72 0.76
CA SER A 128 -6.25 24.06 1.77
C SER A 128 -6.01 22.82 2.62
N PHE A 129 -4.90 22.86 3.34
CA PHE A 129 -4.42 21.70 4.09
C PHE A 129 -4.98 21.68 5.50
N ASP A 130 -5.29 20.49 6.00
CA ASP A 130 -5.54 20.37 7.43
C ASP A 130 -4.23 20.57 8.19
N GLU A 131 -4.33 20.67 9.51
CA GLU A 131 -3.18 21.06 10.32
C GLU A 131 -2.06 20.01 10.28
N THR A 132 -2.41 18.73 10.14
CA THR A 132 -1.38 17.69 10.06
C THR A 132 -0.55 17.84 8.78
N CYS A 133 -1.23 17.95 7.63
CA CYS A 133 -0.51 18.13 6.38
C CYS A 133 0.25 19.45 6.35
N THR A 134 -0.34 20.52 6.91
CA THR A 134 0.39 21.79 7.00
C THR A 134 1.67 21.63 7.82
N ARG A 135 1.55 21.07 9.03
CA ARG A 135 2.71 20.89 9.89
C ARG A 135 3.80 20.09 9.17
N PHE A 136 3.41 18.98 8.54
CA PHE A 136 4.38 18.12 7.89
C PHE A 136 5.11 18.84 6.76
N TYR A 137 4.37 19.43 5.81
CA TYR A 137 5.06 20.01 4.66
C TYR A 137 5.83 21.26 5.04
N THR A 138 5.31 22.05 6.00
CA THR A 138 6.08 23.19 6.52
C THR A 138 7.38 22.70 7.15
N ALA A 139 7.30 21.64 7.97
CA ALA A 139 8.51 21.13 8.60
C ALA A 139 9.56 20.77 7.56
N GLU A 140 9.14 20.12 6.45
CA GLU A 140 10.10 19.76 5.41
C GLU A 140 10.71 20.99 4.76
N ILE A 141 9.90 22.03 4.51
CA ILE A 141 10.46 23.24 3.92
C ILE A 141 11.45 23.87 4.89
N VAL A 142 11.09 23.94 6.18
CA VAL A 142 11.99 24.47 7.19
C VAL A 142 13.30 23.69 7.17
N SER A 143 13.21 22.36 7.19
CA SER A 143 14.40 21.54 7.09
C SER A 143 15.18 21.86 5.81
N ALA A 144 14.48 21.95 4.68
CA ALA A 144 15.13 22.36 3.43
C ALA A 144 15.88 23.67 3.59
N LEU A 145 15.20 24.72 4.08
CA LEU A 145 15.85 26.02 4.19
C LEU A 145 17.01 25.99 5.16
N GLU A 146 16.92 25.19 6.23
CA GLU A 146 18.05 25.06 7.15
C GLU A 146 19.30 24.59 6.42
N TYR A 147 19.16 23.62 5.51
CA TYR A 147 20.28 23.14 4.73
C TYR A 147 20.78 24.19 3.76
N LEU A 148 19.86 24.79 2.99
CA LEU A 148 20.24 25.74 1.95
C LEU A 148 20.93 26.95 2.53
N HIS A 149 20.37 27.52 3.61
CA HIS A 149 21.01 28.67 4.24
C HIS A 149 22.28 28.26 4.96
N GLY A 150 22.34 27.02 5.45
CA GLY A 150 23.58 26.51 6.03
C GLY A 150 24.72 26.49 5.03
N LYS A 151 24.41 26.39 3.73
CA LYS A 151 25.44 26.46 2.72
C LYS A 151 25.58 27.86 2.13
N GLY A 152 25.03 28.88 2.80
CA GLY A 152 25.16 30.26 2.36
C GLY A 152 24.48 30.59 1.05
N ILE A 153 23.38 29.91 0.72
CA ILE A 153 22.62 30.15 -0.51
C ILE A 153 21.25 30.68 -0.17
N ILE A 154 20.87 31.78 -0.80
CA ILE A 154 19.50 32.30 -0.78
C ILE A 154 18.76 31.72 -1.99
N HIS A 155 17.51 31.28 -1.81
CA HIS A 155 16.76 30.81 -2.96
C HIS A 155 16.23 31.96 -3.82
N ARG A 156 15.54 32.91 -3.19
CA ARG A 156 15.04 34.18 -3.72
C ARG A 156 13.74 34.02 -4.52
N ASP A 157 13.32 32.81 -4.87
CA ASP A 157 12.05 32.60 -5.56
C ASP A 157 11.33 31.38 -4.99
N LEU A 158 11.30 31.26 -3.66
CA LEU A 158 10.59 30.15 -3.06
C LEU A 158 9.08 30.40 -3.13
N LYS A 159 8.33 29.36 -3.55
CA LYS A 159 6.89 29.43 -3.78
C LYS A 159 6.38 28.03 -4.18
N PRO A 160 5.09 27.76 -4.02
CA PRO A 160 4.63 26.38 -4.24
C PRO A 160 4.92 25.85 -5.64
N GLU A 161 4.91 26.70 -6.66
CA GLU A 161 5.32 26.27 -8.00
C GLU A 161 6.69 25.59 -7.99
N ASN A 162 7.61 26.08 -7.15
CA ASN A 162 8.98 25.61 -7.12
C ASN A 162 9.25 24.55 -6.07
N ILE A 163 8.20 23.98 -5.48
CA ILE A 163 8.35 22.93 -4.49
C ILE A 163 7.71 21.70 -5.11
N LEU A 164 8.53 20.81 -5.67
CA LEU A 164 7.99 19.63 -6.33
C LEU A 164 7.76 18.54 -5.30
N LEU A 165 7.07 17.48 -5.73
CA LEU A 165 6.81 16.34 -4.87
C LEU A 165 7.20 15.05 -5.58
N ASN A 166 8.01 14.22 -4.93
CA ASN A 166 8.46 13.01 -5.58
C ASN A 166 7.41 11.93 -5.40
N GLU A 167 7.76 10.69 -5.74
CA GLU A 167 6.74 9.66 -5.76
C GLU A 167 6.23 9.37 -4.35
N ASP A 168 7.07 9.55 -3.35
CA ASP A 168 6.65 9.30 -1.98
C ASP A 168 6.01 10.53 -1.34
N MET A 169 5.75 11.58 -2.11
CA MET A 169 5.07 12.79 -1.65
C MET A 169 5.93 13.61 -0.70
N HIS A 170 7.24 13.54 -0.83
CA HIS A 170 8.19 14.37 -0.13
C HIS A 170 8.63 15.52 -1.06
N ILE A 171 8.96 16.65 -0.46
CA ILE A 171 9.16 17.85 -1.28
C ILE A 171 10.49 17.76 -2.01
N GLN A 172 10.59 18.48 -3.12
CA GLN A 172 11.79 18.50 -3.95
C GLN A 172 11.92 19.93 -4.46
N ILE A 173 12.65 20.77 -3.74
CA ILE A 173 12.75 22.17 -4.13
C ILE A 173 13.67 22.29 -5.34
N THR A 174 13.28 23.15 -6.27
CA THR A 174 13.98 23.30 -7.54
C THR A 174 13.92 24.78 -7.95
N ASP A 175 14.31 25.04 -9.20
CA ASP A 175 14.40 26.38 -9.77
C ASP A 175 15.47 27.22 -9.08
N PHE A 176 16.73 26.98 -9.43
CA PHE A 176 17.85 27.67 -8.80
C PHE A 176 18.51 28.69 -9.71
N GLY A 177 17.90 29.01 -10.86
CA GLY A 177 18.51 30.00 -11.73
C GLY A 177 18.60 31.35 -11.09
N THR A 178 17.64 31.68 -10.23
CA THR A 178 17.59 32.99 -9.60
C THR A 178 18.24 33.01 -8.23
N ALA A 179 18.79 31.89 -7.76
CA ALA A 179 19.38 31.84 -6.43
C ALA A 179 20.65 32.68 -6.35
N LYS A 180 21.05 32.98 -5.12
CA LYS A 180 22.20 33.83 -4.83
C LYS A 180 23.12 33.09 -3.87
N VAL A 181 24.42 33.14 -4.16
CA VAL A 181 25.45 32.57 -3.30
C VAL A 181 26.20 33.73 -2.66
N LEU A 182 26.17 33.79 -1.34
CA LEU A 182 26.74 34.89 -0.59
C LEU A 182 28.27 34.85 -0.57
CA ASN A 192 21.49 41.74 -4.90
C ASN A 192 20.75 42.26 -6.14
N SEP A 193 20.28 41.34 -6.98
CA SEP A 193 19.53 41.66 -8.20
CB SEP A 193 19.76 40.57 -9.27
OG SEP A 193 21.13 40.46 -9.63
C SEP A 193 18.03 41.76 -7.91
O SEP A 193 17.62 41.61 -6.75
P SEP A 193 21.82 39.17 -8.96
O1P SEP A 193 23.44 39.28 -9.08
O2P SEP A 193 21.45 39.10 -7.39
O3P SEP A 193 21.33 37.82 -9.70
N PHE A 194 17.22 42.01 -8.93
CA PHE A 194 15.77 42.13 -8.76
C PHE A 194 14.98 40.90 -9.25
N VAL A 195 14.88 39.87 -8.41
CA VAL A 195 14.14 38.67 -8.77
C VAL A 195 13.11 38.36 -7.68
N GLY A 196 12.18 37.48 -8.02
CA GLY A 196 11.11 37.12 -7.12
C GLY A 196 9.80 36.93 -7.84
N THR A 197 8.77 36.54 -7.10
CA THR A 197 7.39 36.50 -7.58
C THR A 197 6.58 37.38 -6.66
N ALA A 198 5.73 38.22 -7.24
CA ALA A 198 5.10 39.31 -6.50
C ALA A 198 4.53 38.86 -5.17
N GLN A 199 3.73 37.78 -5.17
CA GLN A 199 3.03 37.39 -3.96
C GLN A 199 3.95 36.85 -2.85
N TYR A 200 5.20 36.48 -3.17
CA TYR A 200 6.10 35.94 -2.17
C TYR A 200 7.32 36.80 -1.92
N VAL A 201 7.44 37.94 -2.61
CA VAL A 201 8.62 38.79 -2.48
C VAL A 201 8.63 39.48 -1.13
N SER A 202 9.81 39.62 -0.55
CA SER A 202 9.94 40.22 0.76
C SER A 202 10.02 41.74 0.64
N PRO A 203 9.61 42.47 1.70
CA PRO A 203 9.69 43.94 1.62
C PRO A 203 11.07 44.45 1.34
N GLU A 204 12.11 43.82 1.89
CA GLU A 204 13.45 44.37 1.70
C GLU A 204 13.88 44.33 0.25
N LEU A 205 13.27 43.48 -0.58
CA LEU A 205 13.58 43.52 -2.00
C LEU A 205 13.03 44.79 -2.65
N LEU A 206 11.75 45.07 -2.43
CA LEU A 206 11.18 46.24 -3.09
C LEU A 206 11.62 47.56 -2.46
N THR A 207 12.38 47.53 -1.37
CA THR A 207 12.85 48.75 -0.74
C THR A 207 14.36 48.92 -0.82
N GLU A 208 15.11 47.84 -0.99
CA GLU A 208 16.56 47.96 -0.96
C GLU A 208 17.26 47.22 -2.08
N LYS A 209 16.54 46.43 -2.88
CA LYS A 209 17.13 45.60 -3.93
C LYS A 209 18.22 44.67 -3.39
N SER A 210 18.20 44.39 -2.09
CA SER A 210 19.19 43.53 -1.44
C SER A 210 18.45 42.40 -0.73
N ALA A 211 18.44 41.23 -1.34
CA ALA A 211 17.88 40.06 -0.68
C ALA A 211 18.90 39.47 0.29
N CYS A 212 18.41 38.65 1.22
CA CYS A 212 19.25 37.97 2.19
C CYS A 212 18.55 36.69 2.63
N LYS A 213 19.27 35.86 3.41
CA LYS A 213 18.69 34.57 3.80
C LYS A 213 17.29 34.74 4.37
N SER A 214 17.10 35.77 5.18
CA SER A 214 15.80 36.00 5.82
C SER A 214 14.68 36.22 4.80
N SER A 215 15.00 36.62 3.56
CA SER A 215 13.96 36.81 2.55
C SER A 215 13.25 35.51 2.19
N ASP A 216 13.93 34.35 2.29
CA ASP A 216 13.25 33.07 2.12
C ASP A 216 12.28 32.80 3.25
N LEU A 217 12.59 33.27 4.46
CA LEU A 217 11.69 33.07 5.59
C LEU A 217 10.40 33.87 5.41
N TRP A 218 10.49 35.06 4.82
CA TRP A 218 9.27 35.76 4.43
C TRP A 218 8.44 34.89 3.50
N ALA A 219 9.06 34.39 2.43
CA ALA A 219 8.31 33.54 1.50
C ALA A 219 7.76 32.32 2.22
N LEU A 220 8.54 31.74 3.15
CA LEU A 220 8.02 30.64 3.96
C LEU A 220 6.79 31.06 4.74
N GLY A 221 6.83 32.26 5.33
CA GLY A 221 5.63 32.82 5.95
C GLY A 221 4.43 32.85 5.03
N CYS A 222 4.61 33.34 3.79
CA CYS A 222 3.52 33.35 2.81
C CYS A 222 3.06 31.93 2.44
N ILE A 223 3.99 30.98 2.30
CA ILE A 223 3.62 29.61 1.91
C ILE A 223 2.77 28.95 2.98
N ILE A 224 3.16 29.11 4.26
CA ILE A 224 2.42 28.54 5.39
C ILE A 224 1.00 29.10 5.41
N TYR A 225 0.88 30.42 5.25
CA TYR A 225 -0.43 31.04 5.21
C TYR A 225 -1.23 30.48 4.05
N GLN A 226 -0.59 30.26 2.91
CA GLN A 226 -1.30 29.74 1.75
C GLN A 226 -1.79 28.33 2.01
N LEU A 227 -0.97 27.52 2.70
CA LEU A 227 -1.39 26.15 2.99
C LEU A 227 -2.68 26.13 3.82
N VAL A 228 -2.76 26.90 4.90
CA VAL A 228 -3.95 26.76 5.74
C VAL A 228 -5.10 27.62 5.23
N ALA A 229 -4.81 28.80 4.66
CA ALA A 229 -5.90 29.69 4.21
C ALA A 229 -6.43 29.28 2.84
N GLY A 230 -5.58 28.71 2.00
CA GLY A 230 -5.95 28.39 0.63
C GLY A 230 -5.47 29.39 -0.39
N LEU A 231 -5.05 30.58 0.04
CA LEU A 231 -4.56 31.66 -0.79
C LEU A 231 -3.38 32.32 -0.08
N PRO A 232 -2.44 32.89 -0.82
CA PRO A 232 -1.35 33.64 -0.18
C PRO A 232 -1.88 34.89 0.49
N PRO A 233 -1.12 35.52 1.38
CA PRO A 233 -1.69 36.58 2.23
C PRO A 233 -1.77 37.95 1.58
N PHE A 234 -0.90 38.26 0.63
CA PHE A 234 -0.90 39.59 0.00
C PHE A 234 -1.50 39.42 -1.38
N ARG A 235 -2.78 39.77 -1.51
CA ARG A 235 -3.55 39.59 -2.74
C ARG A 235 -4.04 40.93 -3.27
N ALA A 236 -3.96 41.13 -4.58
CA ALA A 236 -4.53 42.34 -5.16
C ALA A 236 -4.64 42.19 -6.68
N GLY A 237 -5.25 43.20 -7.31
CA GLY A 237 -5.57 43.10 -8.74
C GLY A 237 -4.36 43.01 -9.63
N ASN A 238 -3.28 43.71 -9.27
CA ASN A 238 -2.08 43.75 -10.09
C ASN A 238 -0.84 43.80 -9.19
N GLU A 239 0.33 43.61 -9.83
CA GLU A 239 1.59 43.50 -9.11
C GLU A 239 1.85 44.70 -8.20
N GLY A 240 1.46 45.89 -8.66
CA GLY A 240 1.77 47.08 -7.88
C GLY A 240 1.04 47.12 -6.55
N LEU A 241 -0.27 46.86 -6.57
CA LEU A 241 -1.04 46.90 -5.33
C LEU A 241 -0.60 45.79 -4.36
N ILE A 242 -0.22 44.63 -4.89
CA ILE A 242 0.36 43.59 -4.05
C ILE A 242 1.60 44.14 -3.37
N PHE A 243 2.41 44.90 -4.10
CA PHE A 243 3.64 45.44 -3.53
C PHE A 243 3.33 46.44 -2.44
N ALA A 244 2.25 47.22 -2.61
CA ALA A 244 1.83 48.15 -1.57
C ALA A 244 1.52 47.39 -0.27
N LYS A 245 0.76 46.31 -0.36
CA LYS A 245 0.35 45.62 0.86
C LYS A 245 1.55 45.03 1.62
N ILE A 246 2.58 44.58 0.91
CA ILE A 246 3.72 43.96 1.58
C ILE A 246 4.48 44.99 2.42
N ILE A 247 4.77 46.16 1.85
CA ILE A 247 5.51 47.16 2.62
C ILE A 247 4.69 47.63 3.80
N LYS A 248 3.36 47.61 3.66
CA LYS A 248 2.48 48.01 4.75
C LYS A 248 2.21 46.90 5.75
N LEU A 249 2.52 45.64 5.39
CA LEU A 249 2.10 44.46 6.16
C LEU A 249 0.58 44.42 6.28
N GLU A 250 -0.08 44.65 5.14
CA GLU A 250 -1.54 44.72 5.09
C GLU A 250 -2.11 43.35 4.73
N TYR A 251 -2.49 42.57 5.74
CA TYR A 251 -3.10 41.28 5.48
C TYR A 251 -3.89 40.87 6.70
N ASP A 252 -4.77 39.88 6.50
CA ASP A 252 -5.69 39.41 7.53
C ASP A 252 -5.58 37.90 7.68
N PHE A 253 -5.82 37.42 8.91
CA PHE A 253 -5.98 35.99 9.20
C PHE A 253 -7.45 35.63 9.21
N PRO A 254 -7.86 34.57 8.54
CA PRO A 254 -9.27 34.15 8.67
C PRO A 254 -9.48 33.47 10.01
N GLU A 255 -10.74 33.43 10.43
CA GLU A 255 -11.04 32.98 11.79
C GLU A 255 -10.58 31.55 12.02
N LYS A 256 -10.59 30.70 10.98
CA LYS A 256 -10.31 29.29 11.15
C LYS A 256 -8.82 28.95 11.17
N PHE A 257 -7.95 29.95 11.00
CA PHE A 257 -6.50 29.71 10.97
C PHE A 257 -6.02 29.04 12.26
N PHE A 258 -5.27 27.94 12.11
CA PHE A 258 -4.77 27.20 13.26
C PHE A 258 -3.94 28.13 14.15
N PRO A 259 -4.24 28.18 15.45
CA PRO A 259 -3.62 29.23 16.29
C PRO A 259 -2.11 29.19 16.30
N LYS A 260 -1.51 28.01 16.45
CA LYS A 260 -0.06 27.92 16.43
C LYS A 260 0.52 28.19 15.05
N ALA A 261 -0.21 27.87 13.99
CA ALA A 261 0.23 28.25 12.66
C ALA A 261 0.21 29.77 12.50
N ARG A 262 -0.84 30.42 13.01
CA ARG A 262 -0.91 31.87 12.92
C ARG A 262 0.19 32.53 13.74
N ASP A 263 0.44 32.00 14.94
CA ASP A 263 1.50 32.58 15.74
C ASP A 263 2.82 32.52 14.99
N LEU A 264 3.10 31.37 14.35
CA LEU A 264 4.36 31.19 13.63
C LEU A 264 4.43 32.13 12.42
N VAL A 265 3.33 32.26 11.68
CA VAL A 265 3.32 33.19 10.54
C VAL A 265 3.61 34.59 11.01
N GLU A 266 2.99 34.99 12.13
CA GLU A 266 3.24 36.33 12.66
C GLU A 266 4.70 36.54 13.02
N LYS A 267 5.44 35.47 13.31
CA LYS A 267 6.86 35.58 13.59
C LYS A 267 7.71 35.42 12.34
N LEU A 268 7.10 35.21 11.19
CA LEU A 268 7.81 35.22 9.92
C LEU A 268 7.44 36.42 9.07
N LEU A 269 6.16 36.80 9.02
CA LEU A 269 5.78 37.97 8.23
C LEU A 269 6.06 39.21 9.07
N VAL A 270 7.34 39.55 9.13
CA VAL A 270 7.85 40.65 9.93
C VAL A 270 8.66 41.55 9.02
N LEU A 271 8.38 42.86 9.06
CA LEU A 271 9.00 43.81 8.15
C LEU A 271 10.51 43.83 8.30
N ASP A 272 11.00 43.85 9.54
CA ASP A 272 12.43 43.90 9.83
C ASP A 272 13.03 42.51 9.62
N ALA A 273 13.84 42.36 8.57
CA ALA A 273 14.37 41.04 8.22
C ALA A 273 15.36 40.50 9.25
N THR A 274 15.74 41.28 10.27
CA THR A 274 16.54 40.76 11.35
C THR A 274 15.70 40.23 12.49
N LYS A 275 14.39 40.24 12.33
CA LYS A 275 13.47 39.86 13.38
C LYS A 275 12.62 38.66 13.02
N ARG A 276 12.83 38.05 11.86
CA ARG A 276 12.07 36.88 11.47
C ARG A 276 12.65 35.65 12.14
N LEU A 277 11.78 34.84 12.73
CA LEU A 277 12.23 33.63 13.40
C LEU A 277 12.94 32.71 12.42
N GLY A 278 14.13 32.25 12.82
CA GLY A 278 15.00 31.51 11.95
C GLY A 278 16.13 32.31 11.34
N CYS A 279 16.08 33.63 11.38
CA CYS A 279 17.14 34.36 10.71
C CYS A 279 18.40 34.37 11.57
N GLU A 280 19.51 34.76 10.95
CA GLU A 280 20.80 34.72 11.65
C GLU A 280 20.78 35.58 12.91
N GLU A 281 20.18 36.76 12.84
CA GLU A 281 20.22 37.67 13.98
C GLU A 281 19.45 37.12 15.17
N MET A 282 18.60 36.11 14.96
CA MET A 282 17.92 35.41 16.04
C MET A 282 18.43 34.00 16.25
N GLU A 283 19.70 33.75 15.91
CA GLU A 283 20.39 32.49 16.17
C GLU A 283 19.84 31.31 15.36
N GLY A 284 19.23 31.61 14.20
CA GLY A 284 19.05 30.60 13.17
C GLY A 284 17.94 29.60 13.43
N TYR A 285 18.17 28.37 12.96
CA TYR A 285 17.05 27.45 12.76
C TYR A 285 16.63 26.74 14.04
N GLY A 286 17.54 26.58 15.00
CA GLY A 286 17.19 26.00 16.28
C GLY A 286 15.91 26.59 16.87
N PRO A 287 15.88 27.91 17.10
CA PRO A 287 14.66 28.52 17.66
C PRO A 287 13.42 28.38 16.77
N LEU A 288 13.59 28.26 15.44
CA LEU A 288 12.43 28.11 14.55
C LEU A 288 11.89 26.70 14.62
N LYS A 289 12.78 25.70 14.50
CA LYS A 289 12.42 24.30 14.73
C LYS A 289 11.82 24.06 16.11
N ALA A 290 12.13 24.89 17.10
CA ALA A 290 11.56 24.68 18.42
C ALA A 290 10.22 25.40 18.62
N HIS A 291 9.70 26.07 17.59
CA HIS A 291 8.41 26.75 17.72
C HIS A 291 7.32 25.74 18.06
N PRO A 292 6.30 26.16 18.83
CA PRO A 292 5.29 25.18 19.30
C PRO A 292 4.52 24.51 18.18
N PHE A 293 4.38 25.15 17.01
CA PHE A 293 3.69 24.50 15.90
C PHE A 293 4.35 23.18 15.51
N PHE A 294 5.66 23.05 15.75
CA PHE A 294 6.39 21.86 15.38
C PHE A 294 6.64 20.90 16.55
N GLU A 295 5.82 20.96 17.60
CA GLU A 295 6.18 20.28 18.84
C GLU A 295 6.33 18.77 18.61
N SER A 296 5.43 18.19 17.82
CA SER A 296 5.41 16.75 17.62
C SER A 296 6.30 16.31 16.48
N VAL A 297 7.02 17.23 15.85
CA VAL A 297 7.86 16.90 14.72
C VAL A 297 9.14 16.24 15.20
N THR A 298 9.54 15.16 14.52
CA THR A 298 10.86 14.57 14.68
C THR A 298 11.71 14.97 13.48
N TRP A 299 12.64 15.91 13.69
CA TRP A 299 13.41 16.48 12.59
C TRP A 299 14.42 15.49 12.00
N GLU A 300 14.81 14.46 12.75
CA GLU A 300 15.88 13.58 12.28
C GLU A 300 15.43 12.67 11.15
N ASN A 301 14.15 12.27 11.11
CA ASN A 301 13.76 11.32 10.07
C ASN A 301 12.48 11.76 9.34
N LEU A 302 12.28 13.07 9.23
CA LEU A 302 11.15 13.59 8.46
C LEU A 302 11.11 12.96 7.07
N HIS A 303 12.26 12.96 6.39
CA HIS A 303 12.31 12.44 5.03
C HIS A 303 12.06 10.95 4.95
N GLN A 304 12.09 10.23 6.07
CA GLN A 304 11.77 8.81 6.07
C GLN A 304 10.36 8.53 6.51
N GLN A 305 9.69 9.51 7.10
CA GLN A 305 8.30 9.33 7.49
C GLN A 305 7.41 9.33 6.26
N THR A 306 6.34 8.55 6.31
CA THR A 306 5.35 8.56 5.24
C THR A 306 4.48 9.81 5.37
N PRO A 307 4.45 10.69 4.38
CA PRO A 307 3.72 11.95 4.54
C PRO A 307 2.26 11.69 4.79
N PRO A 308 1.59 12.57 5.52
CA PRO A 308 0.14 12.44 5.68
C PRO A 308 -0.54 12.59 4.32
N LYS A 309 -1.60 11.79 4.11
CA LYS A 309 -2.36 11.84 2.87
C LYS A 309 -3.09 13.17 2.74
N LEU A 310 -3.08 13.74 1.53
CA LEU A 310 -3.66 15.05 1.24
C LEU A 310 -5.11 14.87 0.77
N THR A 311 -6.05 15.14 1.66
CA THR A 311 -7.47 15.09 1.33
C THR A 311 -8.16 16.40 1.65
N PRO B 26 33.08 19.34 -3.39
CA PRO B 26 32.46 18.33 -2.50
C PRO B 26 33.35 17.98 -1.33
N ARG B 27 33.15 18.63 -0.18
CA ARG B 27 34.03 18.47 0.97
C ARG B 27 34.10 17.02 1.42
N LYS B 28 35.30 16.60 1.81
CA LYS B 28 35.50 15.26 2.35
C LYS B 28 34.79 15.15 3.69
N LYS B 29 34.04 14.07 3.87
CA LYS B 29 33.35 13.89 5.13
C LYS B 29 34.35 13.54 6.24
N ARG B 30 33.94 13.80 7.48
CA ARG B 30 34.70 13.46 8.67
C ARG B 30 33.83 12.57 9.58
N PRO B 31 34.45 11.85 10.53
CA PRO B 31 33.64 11.05 11.48
C PRO B 31 32.55 11.85 12.18
N GLU B 32 32.87 13.07 12.61
CA GLU B 32 31.92 13.91 13.33
C GLU B 32 30.75 14.37 12.48
N ASP B 33 30.78 14.17 11.15
CA ASP B 33 29.62 14.51 10.34
C ASP B 33 28.49 13.50 10.46
N PHE B 34 28.67 12.44 11.26
CA PHE B 34 27.69 11.36 11.36
C PHE B 34 27.39 11.07 12.83
N LYS B 35 26.23 10.45 13.04
CA LYS B 35 25.85 9.88 14.33
C LYS B 35 25.72 8.38 14.12
N PHE B 36 26.59 7.61 14.78
CA PHE B 36 26.62 6.16 14.61
C PHE B 36 25.59 5.50 15.52
N GLY B 37 24.84 4.55 14.98
CA GLY B 37 23.88 3.76 15.73
C GLY B 37 24.33 2.32 15.85
N LYS B 38 23.43 1.38 15.60
CA LYS B 38 23.73 -0.04 15.83
C LYS B 38 24.76 -0.59 14.84
N ILE B 39 25.49 -1.61 15.31
CA ILE B 39 26.31 -2.46 14.47
C ILE B 39 25.41 -3.19 13.49
N LEU B 40 25.68 -3.04 12.20
CA LEU B 40 24.90 -3.82 11.25
C LEU B 40 25.50 -5.20 11.08
N GLY B 41 26.82 -5.29 11.11
CA GLY B 41 27.50 -6.56 11.02
C GLY B 41 29.00 -6.38 11.16
N GLU B 42 29.65 -7.45 11.60
CA GLU B 42 31.09 -7.47 11.78
C GLU B 42 31.71 -8.40 10.76
N GLY B 43 32.73 -7.91 10.05
CA GLY B 43 33.56 -8.76 9.22
C GLY B 43 34.81 -9.20 9.96
N SER B 44 35.63 -9.97 9.25
CA SER B 44 36.88 -10.46 9.84
C SER B 44 37.77 -9.30 10.23
N PHE B 45 37.91 -8.31 9.36
CA PHE B 45 38.67 -7.10 9.65
C PHE B 45 37.83 -5.87 9.35
N SER B 46 36.58 -5.86 9.83
CA SER B 46 35.70 -4.73 9.59
C SER B 46 34.70 -4.59 10.73
N THR B 47 33.97 -3.48 10.70
CA THR B 47 32.71 -3.31 11.43
C THR B 47 31.81 -2.45 10.56
N VAL B 48 30.56 -2.86 10.36
CA VAL B 48 29.59 -2.07 9.60
C VAL B 48 28.55 -1.56 10.58
N VAL B 49 28.36 -0.23 10.61
CA VAL B 49 27.41 0.39 11.54
C VAL B 49 26.49 1.33 10.80
N LEU B 50 25.22 1.35 11.22
CA LEU B 50 24.25 2.28 10.69
C LEU B 50 24.57 3.68 11.20
N ALA B 51 24.68 4.65 10.30
CA ALA B 51 25.03 6.00 10.70
C ALA B 51 24.12 6.98 9.99
N ARG B 52 23.86 8.09 10.64
CA ARG B 52 23.05 9.17 10.07
C ARG B 52 23.94 10.39 9.82
N GLU B 53 23.93 10.89 8.59
CA GLU B 53 24.61 12.15 8.30
C GLU B 53 23.80 13.29 8.90
N LEU B 54 24.46 14.13 9.72
CA LEU B 54 23.75 15.16 10.47
C LEU B 54 23.18 16.24 9.56
N ALA B 55 23.97 16.70 8.58
CA ALA B 55 23.51 17.81 7.75
C ALA B 55 22.31 17.43 6.90
N THR B 56 22.17 16.15 6.57
CA THR B 56 21.12 15.69 5.65
C THR B 56 20.07 14.81 6.30
N SER B 57 20.43 14.04 7.32
CA SER B 57 19.61 13.03 8.01
C SER B 57 19.53 11.73 7.22
N ARG B 58 20.32 11.57 6.17
CA ARG B 58 20.36 10.29 5.45
C ARG B 58 21.04 9.21 6.26
N GLU B 59 20.51 8.00 6.17
CA GLU B 59 21.15 6.86 6.80
C GLU B 59 22.16 6.27 5.83
N TYR B 60 23.26 5.79 6.36
CA TYR B 60 24.22 5.04 5.58
C TYR B 60 24.76 3.89 6.40
N ALA B 61 25.03 2.77 5.74
CA ALA B 61 25.85 1.72 6.31
C ALA B 61 27.29 2.12 6.10
N ILE B 62 28.05 2.29 7.18
CA ILE B 62 29.43 2.71 7.06
C ILE B 62 30.32 1.54 7.45
N LYS B 63 31.18 1.12 6.52
CA LYS B 63 32.11 0.04 6.77
C LYS B 63 33.39 0.63 7.31
N ILE B 64 33.87 0.10 8.43
CA ILE B 64 34.96 0.70 9.19
C ILE B 64 36.09 -0.31 9.34
N LEU B 65 37.29 0.08 8.94
CA LEU B 65 38.46 -0.80 8.94
C LEU B 65 39.54 -0.27 9.88
N GLU B 66 40.06 -1.14 10.73
CA GLU B 66 41.25 -0.81 11.50
C GLU B 66 42.45 -0.74 10.56
N LYS B 67 43.11 0.41 10.52
CA LYS B 67 44.26 0.55 9.63
C LYS B 67 45.34 -0.47 9.95
N ARG B 68 45.65 -0.61 11.24
CA ARG B 68 46.75 -1.46 11.67
C ARG B 68 46.53 -2.91 11.27
N HIS B 69 45.31 -3.42 11.43
CA HIS B 69 45.04 -4.79 11.00
C HIS B 69 45.26 -4.94 9.50
N ILE B 70 44.82 -3.95 8.72
CA ILE B 70 44.99 -4.01 7.26
C ILE B 70 46.47 -4.07 6.90
N ILE B 71 47.29 -3.26 7.58
CA ILE B 71 48.71 -3.21 7.23
C ILE B 71 49.42 -4.48 7.68
N LYS B 72 49.02 -5.05 8.82
CA LYS B 72 49.62 -6.29 9.30
C LYS B 72 49.00 -7.52 8.63
N GLU B 73 48.56 -7.36 7.38
CA GLU B 73 48.09 -8.48 6.57
C GLU B 73 48.14 -8.12 5.09
N ASN B 74 48.82 -7.01 4.76
CA ASN B 74 49.09 -6.58 3.38
C ASN B 74 47.81 -6.49 2.57
N LYS B 75 46.85 -5.75 3.09
CA LYS B 75 45.57 -5.54 2.42
C LYS B 75 45.43 -4.12 1.91
N VAL B 76 46.50 -3.31 1.95
CA VAL B 76 46.41 -1.93 1.46
C VAL B 76 46.13 -1.87 -0.03
N PRO B 77 46.80 -2.62 -0.91
CA PRO B 77 46.30 -2.72 -2.28
C PRO B 77 44.94 -3.37 -2.35
N TYR B 78 44.70 -4.40 -1.54
CA TYR B 78 43.43 -5.11 -1.53
C TYR B 78 42.26 -4.15 -1.24
N VAL B 79 42.41 -3.30 -0.23
CA VAL B 79 41.34 -2.36 0.12
C VAL B 79 41.20 -1.29 -0.96
N THR B 80 42.31 -0.88 -1.58
CA THR B 80 42.23 0.10 -2.65
C THR B 80 41.40 -0.44 -3.81
N ARG B 81 41.57 -1.72 -4.15
CA ARG B 81 40.84 -2.31 -5.26
C ARG B 81 39.35 -2.33 -4.98
N GLU B 82 38.95 -2.67 -3.75
CA GLU B 82 37.53 -2.63 -3.41
C GLU B 82 36.98 -1.21 -3.53
N ARG B 83 37.78 -0.21 -3.19
CA ARG B 83 37.33 1.17 -3.37
C ARG B 83 37.17 1.49 -4.85
N ASP B 84 38.17 1.13 -5.66
CA ASP B 84 38.15 1.48 -7.08
C ASP B 84 37.06 0.74 -7.84
N VAL B 85 36.88 -0.56 -7.57
CA VAL B 85 35.78 -1.30 -8.18
C VAL B 85 34.44 -0.69 -7.80
N MET B 86 34.21 -0.48 -6.51
CA MET B 86 32.93 0.04 -6.09
C MET B 86 32.68 1.44 -6.64
N SER B 87 33.74 2.22 -6.83
CA SER B 87 33.56 3.57 -7.36
C SER B 87 33.08 3.57 -8.80
N ARG B 88 33.29 2.47 -9.52
CA ARG B 88 32.88 2.37 -10.91
C ARG B 88 31.43 1.92 -11.09
N LEU B 89 30.77 1.49 -10.04
CA LEU B 89 29.42 0.96 -10.17
C LEU B 89 28.42 2.06 -9.85
N ASP B 90 27.47 2.26 -10.74
CA ASP B 90 26.33 3.11 -10.44
C ASP B 90 25.13 2.50 -11.16
N HIS B 91 24.47 1.56 -10.49
CA HIS B 91 23.36 0.81 -11.05
C HIS B 91 22.51 0.36 -9.86
N PRO B 92 21.19 0.36 -10.00
CA PRO B 92 20.32 0.11 -8.82
C PRO B 92 20.47 -1.26 -8.16
N PHE B 93 21.10 -2.26 -8.79
CA PHE B 93 21.23 -3.58 -8.19
C PHE B 93 22.60 -3.81 -7.54
N PHE B 94 23.36 -2.75 -7.30
CA PHE B 94 24.62 -2.85 -6.56
C PHE B 94 24.62 -1.82 -5.44
N VAL B 95 25.22 -2.20 -4.30
CA VAL B 95 25.49 -1.27 -3.22
C VAL B 95 26.33 -0.12 -3.77
N LYS B 96 25.85 1.11 -3.58
CA LYS B 96 26.59 2.29 -3.99
C LYS B 96 27.57 2.73 -2.91
N LEU B 97 28.80 3.04 -3.34
CA LEU B 97 29.79 3.71 -2.50
C LEU B 97 29.61 5.21 -2.65
N TYR B 98 29.12 5.87 -1.61
CA TYR B 98 28.92 7.31 -1.65
C TYR B 98 30.17 8.10 -1.29
N PHE B 99 30.97 7.62 -0.34
CA PHE B 99 32.16 8.38 0.05
C PHE B 99 33.11 7.48 0.83
N THR B 100 34.36 7.93 0.90
CA THR B 100 35.32 7.38 1.85
C THR B 100 36.07 8.52 2.52
N PHE B 101 36.63 8.23 3.70
CA PHE B 101 37.49 9.16 4.41
C PHE B 101 38.28 8.34 5.42
N GLN B 102 39.21 9.00 6.13
CA GLN B 102 39.99 8.31 7.15
C GLN B 102 40.28 9.23 8.33
N ASP B 103 40.66 8.60 9.43
CA ASP B 103 41.18 9.31 10.60
C ASP B 103 42.48 8.61 11.00
N ASP B 104 42.93 8.85 12.23
CA ASP B 104 44.24 8.33 12.65
C ASP B 104 44.27 6.81 12.68
N GLU B 105 43.14 6.15 12.94
CA GLU B 105 43.11 4.71 13.13
C GLU B 105 42.23 3.95 12.15
N LYS B 106 41.37 4.62 11.40
CA LYS B 106 40.30 3.93 10.70
C LYS B 106 40.17 4.40 9.25
N LEU B 107 39.73 3.46 8.40
CA LEU B 107 39.19 3.74 7.07
C LEU B 107 37.67 3.57 7.12
N TYR B 108 36.96 4.50 6.49
CA TYR B 108 35.50 4.50 6.46
C TYR B 108 34.98 4.41 5.03
N PHE B 109 34.06 3.48 4.77
CA PHE B 109 33.36 3.36 3.49
C PHE B 109 31.89 3.72 3.69
N GLY B 110 31.46 4.83 3.10
CA GLY B 110 30.06 5.22 3.13
C GLY B 110 29.22 4.46 2.13
N LEU B 111 28.46 3.47 2.61
CA LEU B 111 27.69 2.57 1.76
C LEU B 111 26.20 2.85 1.84
N SER B 112 25.48 2.57 0.77
CA SER B 112 24.03 2.60 0.86
C SER B 112 23.58 1.53 1.84
N TYR B 113 22.48 1.82 2.52
CA TYR B 113 21.98 0.96 3.59
C TYR B 113 20.98 -0.03 3.02
N ALA B 114 21.30 -1.33 3.07
CA ALA B 114 20.34 -2.36 2.68
C ALA B 114 19.61 -2.81 3.93
N LYS B 115 18.44 -2.22 4.17
CA LYS B 115 17.78 -2.41 5.46
C LYS B 115 17.36 -3.85 5.69
N ASN B 116 17.14 -4.62 4.64
CA ASN B 116 16.52 -5.93 4.78
C ASN B 116 17.51 -7.08 4.80
N GLY B 117 18.81 -6.78 4.75
CA GLY B 117 19.76 -7.83 5.03
C GLY B 117 20.06 -8.75 3.86
N GLU B 118 20.56 -9.93 4.21
CA GLU B 118 21.06 -10.88 3.24
C GLU B 118 19.93 -11.69 2.60
N LEU B 119 20.05 -11.93 1.30
CA LEU B 119 19.15 -12.87 0.64
C LEU B 119 19.19 -14.25 1.31
N LEU B 120 20.36 -14.65 1.84
CA LEU B 120 20.46 -15.95 2.50
C LEU B 120 19.45 -16.08 3.64
N LYS B 121 19.19 -14.97 4.34
CA LYS B 121 18.24 -14.97 5.45
C LYS B 121 16.85 -15.41 4.99
N TYR B 122 16.35 -14.84 3.90
CA TYR B 122 15.03 -15.21 3.41
C TYR B 122 15.01 -16.64 2.87
N ILE B 123 16.07 -17.09 2.20
CA ILE B 123 16.11 -18.49 1.77
C ILE B 123 16.03 -19.41 2.97
N ARG B 124 16.80 -19.12 4.03
CA ARG B 124 16.78 -19.96 5.23
C ARG B 124 15.42 -19.92 5.91
N LYS B 125 14.87 -18.72 6.07
CA LYS B 125 13.59 -18.53 6.73
C LYS B 125 12.48 -19.31 6.04
N ILE B 126 12.20 -19.00 4.76
CA ILE B 126 11.04 -19.55 4.09
C ILE B 126 11.35 -20.83 3.31
N GLY B 127 12.59 -21.29 3.34
CA GLY B 127 12.85 -22.59 2.78
C GLY B 127 13.19 -22.56 1.31
N SER B 128 12.28 -22.08 0.48
CA SER B 128 12.51 -22.03 -0.94
C SER B 128 11.47 -21.14 -1.56
N PHE B 129 11.81 -20.54 -2.69
CA PHE B 129 11.01 -19.48 -3.30
C PHE B 129 10.01 -20.07 -4.28
N ASP B 130 8.80 -19.50 -4.33
CA ASP B 130 7.87 -19.89 -5.38
C ASP B 130 8.41 -19.45 -6.73
N GLU B 131 7.67 -19.79 -7.80
CA GLU B 131 8.21 -19.53 -9.14
C GLU B 131 8.25 -18.04 -9.46
N THR B 132 7.21 -17.30 -9.09
CA THR B 132 7.21 -15.85 -9.33
C THR B 132 8.40 -15.17 -8.65
N CYS B 133 8.66 -15.50 -7.39
CA CYS B 133 9.78 -14.86 -6.70
C CYS B 133 11.13 -15.32 -7.25
N THR B 134 11.24 -16.59 -7.64
CA THR B 134 12.47 -17.07 -8.26
C THR B 134 12.74 -16.33 -9.55
N ARG B 135 11.72 -16.20 -10.39
CA ARG B 135 11.90 -15.52 -11.66
C ARG B 135 12.32 -14.09 -11.46
N PHE B 136 11.68 -13.38 -10.51
CA PHE B 136 11.98 -11.97 -10.27
C PHE B 136 13.40 -11.80 -9.73
N TYR B 137 13.79 -12.59 -8.73
CA TYR B 137 15.10 -12.33 -8.15
C TYR B 137 16.21 -12.82 -9.07
N THR B 138 15.95 -13.89 -9.85
CA THR B 138 16.93 -14.32 -10.85
C THR B 138 17.13 -13.25 -11.91
N ALA B 139 16.02 -12.64 -12.35
CA ALA B 139 16.12 -11.61 -13.38
C ALA B 139 16.91 -10.40 -12.90
N GLU B 140 16.75 -10.02 -11.61
CA GLU B 140 17.53 -8.89 -11.11
C GLU B 140 19.02 -9.23 -11.11
N ILE B 141 19.37 -10.42 -10.61
CA ILE B 141 20.78 -10.82 -10.61
C ILE B 141 21.32 -10.86 -12.04
N VAL B 142 20.54 -11.38 -12.99
CA VAL B 142 20.98 -11.40 -14.38
C VAL B 142 21.24 -9.99 -14.85
N SER B 143 20.26 -9.11 -14.67
CA SER B 143 20.42 -7.71 -15.01
C SER B 143 21.67 -7.13 -14.35
N ALA B 144 21.85 -7.41 -13.05
CA ALA B 144 23.05 -6.96 -12.35
C ALA B 144 24.32 -7.46 -13.01
N LEU B 145 24.37 -8.76 -13.37
CA LEU B 145 25.60 -9.29 -13.99
C LEU B 145 25.83 -8.72 -15.38
N GLU B 146 24.76 -8.48 -16.15
CA GLU B 146 24.96 -7.84 -17.45
C GLU B 146 25.66 -6.49 -17.30
N TYR B 147 25.28 -5.71 -16.28
CA TYR B 147 25.92 -4.41 -16.08
C TYR B 147 27.36 -4.56 -15.60
N LEU B 148 27.58 -5.44 -14.63
CA LEU B 148 28.93 -5.66 -14.11
C LEU B 148 29.87 -6.22 -15.18
N HIS B 149 29.45 -7.30 -15.84
CA HIS B 149 30.29 -7.85 -16.91
C HIS B 149 30.46 -6.85 -18.05
N GLY B 150 29.45 -6.02 -18.32
CA GLY B 150 29.60 -4.93 -19.26
C GLY B 150 30.76 -4.02 -18.94
N LYS B 151 31.18 -3.96 -17.68
CA LYS B 151 32.30 -3.13 -17.26
C LYS B 151 33.60 -3.93 -17.12
N GLY B 152 33.64 -5.16 -17.59
CA GLY B 152 34.86 -5.94 -17.51
C GLY B 152 35.25 -6.31 -16.09
N ILE B 153 34.26 -6.45 -15.20
CA ILE B 153 34.51 -6.81 -13.81
C ILE B 153 33.89 -8.17 -13.53
N ILE B 154 34.69 -9.07 -12.96
CA ILE B 154 34.21 -10.36 -12.50
C ILE B 154 33.98 -10.26 -11.01
N HIS B 155 32.85 -10.81 -10.52
CA HIS B 155 32.60 -10.71 -9.08
C HIS B 155 33.38 -11.77 -8.28
N ARG B 156 33.39 -13.01 -8.75
CA ARG B 156 34.16 -14.11 -8.20
C ARG B 156 33.64 -14.68 -6.89
N ASP B 157 32.76 -13.97 -6.17
CA ASP B 157 32.21 -14.51 -4.92
C ASP B 157 30.72 -14.26 -4.85
N LEU B 158 30.02 -14.55 -5.92
CA LEU B 158 28.60 -14.32 -5.96
C LEU B 158 27.92 -15.43 -5.17
N LYS B 159 27.02 -15.04 -4.28
CA LYS B 159 26.33 -16.00 -3.42
C LYS B 159 25.26 -15.27 -2.62
N PRO B 160 24.29 -15.98 -2.05
CA PRO B 160 23.17 -15.31 -1.38
C PRO B 160 23.56 -14.43 -0.21
N GLU B 161 24.67 -14.69 0.45
CA GLU B 161 25.05 -13.80 1.55
C GLU B 161 25.62 -12.48 1.05
N ASN B 162 26.05 -12.42 -0.20
CA ASN B 162 26.60 -11.21 -0.79
C ASN B 162 25.57 -10.48 -1.63
N ILE B 163 24.32 -10.90 -1.58
CA ILE B 163 23.21 -10.26 -2.29
C ILE B 163 22.30 -9.64 -1.24
N LEU B 164 22.46 -8.35 -0.98
CA LEU B 164 21.64 -7.75 0.08
C LEU B 164 20.30 -7.30 -0.49
N LEU B 165 19.37 -6.99 0.40
CA LEU B 165 18.03 -6.54 0.01
C LEU B 165 17.74 -5.19 0.66
N ASN B 166 17.32 -4.23 -0.16
CA ASN B 166 17.06 -2.89 0.35
C ASN B 166 15.65 -2.84 0.93
N GLU B 167 15.20 -1.66 1.37
CA GLU B 167 13.91 -1.57 2.04
C GLU B 167 12.78 -2.01 1.12
N ASP B 168 12.92 -1.79 -0.18
CA ASP B 168 11.90 -2.21 -1.12
C ASP B 168 12.02 -3.65 -1.56
N MET B 169 13.05 -4.38 -1.09
CA MET B 169 13.24 -5.79 -1.40
C MET B 169 13.72 -5.98 -2.84
N HIS B 170 14.41 -4.99 -3.37
CA HIS B 170 15.26 -5.13 -4.55
C HIS B 170 16.66 -5.52 -4.12
N ILE B 171 17.39 -6.20 -5.03
CA ILE B 171 18.67 -6.75 -4.61
C ILE B 171 19.73 -5.65 -4.60
N GLN B 172 20.69 -5.80 -3.71
CA GLN B 172 21.87 -4.95 -3.62
C GLN B 172 23.07 -5.88 -3.51
N ILE B 173 23.83 -6.00 -4.57
CA ILE B 173 24.99 -6.87 -4.52
C ILE B 173 26.13 -6.12 -3.86
N THR B 174 26.86 -6.81 -2.98
CA THR B 174 28.01 -6.22 -2.31
C THR B 174 29.16 -7.21 -2.26
N ASP B 175 30.26 -6.74 -1.65
CA ASP B 175 31.47 -7.50 -1.34
C ASP B 175 32.38 -7.64 -2.56
N PHE B 176 33.06 -6.57 -2.93
CA PHE B 176 33.90 -6.53 -4.11
C PHE B 176 35.36 -6.58 -3.76
N GLY B 177 35.69 -6.95 -2.52
CA GLY B 177 37.08 -7.09 -2.14
C GLY B 177 37.81 -8.11 -2.98
N THR B 178 37.10 -9.15 -3.42
CA THR B 178 37.69 -10.20 -4.24
C THR B 178 37.27 -10.12 -5.69
N ALA B 179 36.69 -9.02 -6.12
CA ALA B 179 36.33 -8.88 -7.52
C ALA B 179 37.59 -8.77 -8.38
N LYS B 180 37.44 -9.04 -9.68
CA LYS B 180 38.59 -8.99 -10.58
C LYS B 180 38.26 -8.04 -11.73
N VAL B 181 39.18 -7.13 -12.01
CA VAL B 181 39.06 -6.17 -13.08
C VAL B 181 39.87 -6.68 -14.27
N LEU B 182 39.23 -6.88 -15.41
CA LEU B 182 39.95 -7.31 -16.59
C LEU B 182 40.65 -6.11 -17.24
N SER B 183 41.88 -6.34 -17.70
CA SER B 183 42.73 -5.32 -18.33
C SER B 183 42.72 -3.98 -17.59
N SEP B 193 44.21 -16.34 -8.68
CA SEP B 193 43.97 -16.03 -7.26
CB SEP B 193 43.60 -14.56 -7.09
OG SEP B 193 44.67 -13.70 -7.46
C SEP B 193 42.86 -16.92 -6.68
O SEP B 193 41.71 -16.83 -7.09
P SEP B 193 44.14 -12.21 -7.76
O1P SEP B 193 45.37 -11.18 -7.71
O2P SEP B 193 43.47 -12.17 -9.23
O3P SEP B 193 43.06 -11.82 -6.62
N PHE B 194 43.23 -17.76 -5.71
CA PHE B 194 42.28 -18.72 -5.14
C PHE B 194 41.26 -18.05 -4.20
N VAL B 195 40.13 -17.62 -4.79
CA VAL B 195 39.09 -16.88 -4.09
C VAL B 195 37.73 -17.49 -4.39
N GLY B 196 36.80 -17.35 -3.44
CA GLY B 196 35.43 -17.78 -3.61
C GLY B 196 34.91 -18.53 -2.40
N THR B 197 33.71 -19.07 -2.55
CA THR B 197 33.05 -19.89 -1.53
C THR B 197 32.77 -21.26 -2.12
N ALA B 198 33.20 -22.31 -1.41
CA ALA B 198 33.25 -23.66 -1.98
C ALA B 198 31.99 -24.01 -2.75
N GLN B 199 30.82 -23.75 -2.17
CA GLN B 199 29.59 -24.22 -2.80
C GLN B 199 29.29 -23.50 -4.11
N TYR B 200 29.78 -22.28 -4.31
CA TYR B 200 29.47 -21.51 -5.51
C TYR B 200 30.66 -21.37 -6.46
N VAL B 201 31.74 -22.12 -6.22
CA VAL B 201 32.99 -21.91 -6.97
C VAL B 201 32.93 -22.75 -8.26
N SER B 202 33.45 -22.22 -9.28
CA SER B 202 33.36 -22.79 -10.60
C SER B 202 34.52 -23.75 -10.86
N PRO B 203 34.26 -24.83 -11.63
CA PRO B 203 35.32 -25.81 -11.92
C PRO B 203 36.61 -25.21 -12.43
N GLU B 204 36.53 -24.23 -13.34
CA GLU B 204 37.76 -23.67 -13.90
C GLU B 204 38.65 -23.05 -12.83
N LEU B 205 38.08 -22.66 -11.69
CA LEU B 205 38.90 -22.09 -10.62
C LEU B 205 39.74 -23.17 -9.95
N LEU B 206 39.15 -24.31 -9.61
CA LEU B 206 39.90 -25.37 -8.96
C LEU B 206 40.46 -26.38 -9.95
N THR B 207 40.70 -25.95 -11.16
CA THR B 207 41.38 -26.72 -12.20
C THR B 207 42.50 -25.91 -12.82
N GLU B 208 42.32 -24.61 -12.99
CA GLU B 208 43.27 -23.76 -13.68
C GLU B 208 43.64 -22.51 -12.90
N LYS B 209 42.90 -22.18 -11.85
CA LYS B 209 43.11 -20.98 -11.02
C LYS B 209 42.93 -19.68 -11.79
N SER B 210 42.24 -19.72 -12.93
CA SER B 210 41.92 -18.52 -13.70
C SER B 210 40.41 -18.36 -13.73
N ALA B 211 39.90 -17.37 -12.99
CA ALA B 211 38.49 -17.04 -13.10
C ALA B 211 38.26 -16.15 -14.31
N CYS B 212 37.04 -16.23 -14.84
CA CYS B 212 36.61 -15.37 -15.93
C CYS B 212 35.16 -14.98 -15.66
N LYS B 213 34.61 -14.09 -16.52
CA LYS B 213 33.25 -13.61 -16.31
C LYS B 213 32.27 -14.77 -16.18
N SER B 214 32.49 -15.82 -16.96
CA SER B 214 31.57 -16.96 -16.97
C SER B 214 31.53 -17.68 -15.62
N SER B 215 32.56 -17.52 -14.77
CA SER B 215 32.51 -18.04 -13.40
C SER B 215 31.30 -17.52 -12.63
N ASP B 216 30.97 -16.23 -12.79
CA ASP B 216 29.79 -15.71 -12.09
C ASP B 216 28.52 -16.40 -12.56
N LEU B 217 28.47 -16.80 -13.83
CA LEU B 217 27.28 -17.46 -14.36
C LEU B 217 27.12 -18.84 -13.76
N TRP B 218 28.21 -19.51 -13.41
CA TRP B 218 28.10 -20.75 -12.64
C TRP B 218 27.48 -20.47 -11.27
N ALA B 219 27.99 -19.46 -10.58
CA ALA B 219 27.40 -19.15 -9.27
C ALA B 219 25.92 -18.80 -9.42
N LEU B 220 25.57 -18.02 -10.45
CA LEU B 220 24.16 -17.79 -10.76
C LEU B 220 23.40 -19.11 -10.89
N GLY B 221 23.99 -20.07 -11.62
CA GLY B 221 23.42 -21.41 -11.68
C GLY B 221 23.12 -21.98 -10.31
N CYS B 222 24.10 -21.93 -9.39
CA CYS B 222 23.89 -22.44 -8.03
C CYS B 222 22.80 -21.66 -7.31
N ILE B 223 22.82 -20.34 -7.44
CA ILE B 223 21.84 -19.51 -6.73
C ILE B 223 20.43 -19.80 -7.23
N ILE B 224 20.24 -19.93 -8.54
CA ILE B 224 18.92 -20.29 -9.03
C ILE B 224 18.47 -21.60 -8.41
N TYR B 225 19.34 -22.62 -8.46
CA TYR B 225 19.03 -23.92 -7.86
C TYR B 225 18.67 -23.77 -6.40
N GLN B 226 19.45 -22.98 -5.66
CA GLN B 226 19.19 -22.81 -4.23
C GLN B 226 17.83 -22.16 -3.99
N LEU B 227 17.48 -21.15 -4.80
CA LEU B 227 16.21 -20.47 -4.61
C LEU B 227 15.04 -21.44 -4.71
N VAL B 228 15.04 -22.35 -5.69
CA VAL B 228 13.85 -23.16 -5.87
C VAL B 228 13.88 -24.40 -4.99
N ALA B 229 15.05 -25.02 -4.81
CA ALA B 229 15.13 -26.26 -4.03
C ALA B 229 15.36 -26.01 -2.55
N GLY B 230 15.88 -24.86 -2.17
CA GLY B 230 16.13 -24.56 -0.78
C GLY B 230 17.58 -24.72 -0.37
N LEU B 231 18.36 -25.49 -1.13
CA LEU B 231 19.75 -25.72 -0.85
C LEU B 231 20.55 -25.63 -2.13
N PRO B 232 21.82 -25.24 -2.05
CA PRO B 232 22.68 -25.26 -3.23
C PRO B 232 22.91 -26.69 -3.70
N PRO B 233 23.35 -26.88 -4.95
CA PRO B 233 23.34 -28.24 -5.53
C PRO B 233 24.52 -29.12 -5.16
N PHE B 234 25.66 -28.55 -4.74
CA PHE B 234 26.84 -29.33 -4.41
C PHE B 234 27.06 -29.26 -2.89
N ARG B 235 26.66 -30.29 -2.17
CA ARG B 235 26.81 -30.32 -0.72
C ARG B 235 27.53 -31.58 -0.31
N ALA B 236 28.40 -31.46 0.69
CA ALA B 236 29.11 -32.62 1.21
C ALA B 236 29.55 -32.35 2.64
N GLY B 237 30.29 -33.31 3.21
CA GLY B 237 30.70 -33.19 4.60
C GLY B 237 31.76 -32.14 4.83
N ASN B 238 32.58 -31.85 3.83
CA ASN B 238 33.65 -30.87 3.99
C ASN B 238 33.96 -30.23 2.65
N GLU B 239 34.68 -29.10 2.71
CA GLU B 239 35.09 -28.36 1.52
C GLU B 239 35.73 -29.25 0.47
N GLY B 240 36.38 -30.33 0.91
CA GLY B 240 37.04 -31.21 -0.04
C GLY B 240 36.07 -31.96 -0.93
N LEU B 241 35.10 -32.65 -0.32
CA LEU B 241 34.14 -33.43 -1.09
C LEU B 241 33.19 -32.55 -1.89
N ILE B 242 32.98 -31.30 -1.48
CA ILE B 242 32.20 -30.38 -2.31
C ILE B 242 32.94 -30.11 -3.61
N PHE B 243 34.24 -29.83 -3.52
CA PHE B 243 35.03 -29.59 -4.71
C PHE B 243 34.93 -30.76 -5.67
N ALA B 244 34.97 -31.98 -5.15
CA ALA B 244 34.88 -33.17 -5.99
C ALA B 244 33.55 -33.23 -6.73
N LYS B 245 32.46 -32.87 -6.05
CA LYS B 245 31.17 -32.88 -6.72
C LYS B 245 31.13 -31.87 -7.87
N ILE B 246 31.82 -30.75 -7.71
CA ILE B 246 31.79 -29.69 -8.71
C ILE B 246 32.47 -30.16 -10.00
N ILE B 247 33.73 -30.60 -9.91
CA ILE B 247 34.48 -30.97 -11.12
C ILE B 247 33.80 -32.11 -11.85
N LYS B 248 33.09 -32.97 -11.12
CA LYS B 248 32.36 -34.08 -11.73
C LYS B 248 30.97 -33.68 -12.21
N LEU B 249 30.50 -32.47 -11.88
CA LEU B 249 29.13 -32.06 -12.14
C LEU B 249 28.16 -33.08 -11.54
N GLU B 250 28.38 -33.38 -10.26
CA GLU B 250 27.65 -34.43 -9.54
C GLU B 250 26.55 -33.80 -8.72
N TYR B 251 25.35 -33.68 -9.29
CA TYR B 251 24.21 -33.18 -8.52
C TYR B 251 22.91 -33.67 -9.14
N ASP B 252 21.85 -33.59 -8.35
CA ASP B 252 20.54 -34.03 -8.81
C ASP B 252 19.54 -32.90 -8.62
N PHE B 253 18.51 -32.98 -9.35
CA PHE B 253 17.37 -32.11 -9.17
C PHE B 253 16.31 -32.81 -8.33
N PRO B 254 15.75 -32.11 -7.36
CA PRO B 254 14.58 -32.65 -6.67
C PRO B 254 13.42 -32.77 -7.63
N GLU B 255 12.45 -33.60 -7.25
CA GLU B 255 11.33 -33.87 -8.15
C GLU B 255 10.50 -32.62 -8.42
N LYS B 256 10.37 -31.74 -7.43
CA LYS B 256 9.51 -30.57 -7.52
C LYS B 256 10.29 -29.33 -7.94
N PHE B 257 10.95 -29.38 -9.09
CA PHE B 257 11.74 -28.26 -9.60
C PHE B 257 11.03 -27.68 -10.82
N PHE B 258 10.78 -26.36 -10.80
CA PHE B 258 10.07 -25.72 -11.91
C PHE B 258 10.78 -26.05 -13.23
N PRO B 259 10.09 -26.68 -14.18
CA PRO B 259 10.81 -27.23 -15.36
C PRO B 259 11.69 -26.23 -16.10
N LYS B 260 11.15 -25.07 -16.47
CA LYS B 260 11.95 -24.11 -17.22
C LYS B 260 13.14 -23.61 -16.41
N ALA B 261 13.01 -23.49 -15.08
CA ALA B 261 14.17 -23.12 -14.26
C ALA B 261 15.20 -24.25 -14.26
N ARG B 262 14.76 -25.50 -14.22
CA ARG B 262 15.71 -26.61 -14.31
C ARG B 262 16.51 -26.54 -15.61
N ASP B 263 15.84 -26.17 -16.71
CA ASP B 263 16.53 -26.02 -17.99
C ASP B 263 17.55 -24.90 -17.95
N LEU B 264 17.18 -23.74 -17.41
CA LEU B 264 18.14 -22.65 -17.26
C LEU B 264 19.34 -23.11 -16.43
N VAL B 265 19.10 -23.76 -15.31
CA VAL B 265 20.21 -24.26 -14.49
C VAL B 265 21.09 -25.21 -15.29
N GLU B 266 20.47 -26.11 -16.05
CA GLU B 266 21.28 -27.05 -16.83
C GLU B 266 22.10 -26.33 -17.90
N LYS B 267 21.63 -25.17 -18.37
CA LYS B 267 22.40 -24.38 -19.33
C LYS B 267 23.41 -23.47 -18.65
N LEU B 268 23.46 -23.46 -17.33
CA LEU B 268 24.42 -22.64 -16.60
C LEU B 268 25.45 -23.48 -15.86
N LEU B 269 25.04 -24.59 -15.25
CA LEU B 269 25.98 -25.49 -14.56
C LEU B 269 26.58 -26.41 -15.62
N VAL B 270 27.45 -25.82 -16.43
CA VAL B 270 28.13 -26.50 -17.51
C VAL B 270 29.61 -26.36 -17.25
N LEU B 271 30.35 -27.47 -17.43
CA LEU B 271 31.75 -27.50 -17.01
C LEU B 271 32.62 -26.61 -17.89
N ASP B 272 32.40 -26.65 -19.21
CA ASP B 272 33.09 -25.79 -20.16
C ASP B 272 32.62 -24.34 -19.97
N ALA B 273 33.51 -23.47 -19.49
CA ALA B 273 33.10 -22.11 -19.17
C ALA B 273 32.67 -21.33 -20.41
N THR B 274 33.02 -21.81 -21.60
CA THR B 274 32.63 -21.15 -22.83
C THR B 274 31.26 -21.58 -23.30
N LYS B 275 30.56 -22.44 -22.56
CA LYS B 275 29.29 -22.99 -23.00
C LYS B 275 28.13 -22.54 -22.14
N ARG B 276 28.38 -21.68 -21.15
CA ARG B 276 27.33 -21.23 -20.24
C ARG B 276 26.54 -20.10 -20.91
N LEU B 277 25.23 -20.28 -20.98
CA LEU B 277 24.34 -19.23 -21.45
C LEU B 277 24.66 -17.91 -20.77
N GLY B 278 24.92 -16.88 -21.56
CA GLY B 278 25.30 -15.58 -21.05
C GLY B 278 26.75 -15.24 -21.28
N CYS B 279 27.62 -16.22 -21.45
CA CYS B 279 29.03 -15.95 -21.64
C CYS B 279 29.31 -15.38 -23.05
N GLU B 280 30.47 -14.73 -23.18
CA GLU B 280 30.80 -14.04 -24.43
C GLU B 280 30.86 -15.00 -25.61
N GLU B 281 31.42 -16.20 -25.40
CA GLU B 281 31.51 -17.17 -26.48
C GLU B 281 30.14 -17.63 -26.94
N MET B 282 29.13 -17.49 -26.08
CA MET B 282 27.73 -17.75 -26.41
C MET B 282 26.97 -16.47 -26.74
N GLU B 283 27.68 -15.41 -27.10
CA GLU B 283 27.11 -14.12 -27.51
C GLU B 283 26.32 -13.44 -26.40
N GLY B 284 26.87 -13.48 -25.18
CA GLY B 284 26.46 -12.54 -24.14
C GLY B 284 25.06 -12.73 -23.59
N TYR B 285 24.52 -11.61 -23.08
CA TYR B 285 23.33 -11.64 -22.23
C TYR B 285 22.01 -11.66 -22.97
N GLY B 286 22.00 -11.33 -24.26
CA GLY B 286 20.77 -11.33 -25.02
C GLY B 286 20.12 -12.71 -25.10
N PRO B 287 20.88 -13.71 -25.53
CA PRO B 287 20.38 -15.09 -25.46
C PRO B 287 19.94 -15.53 -24.08
N LEU B 288 20.66 -15.13 -23.02
CA LEU B 288 20.29 -15.50 -21.65
C LEU B 288 18.98 -14.83 -21.26
N LYS B 289 18.86 -13.52 -21.51
CA LYS B 289 17.64 -12.80 -21.20
C LYS B 289 16.45 -13.32 -22.01
N ALA B 290 16.69 -13.99 -23.13
CA ALA B 290 15.58 -14.50 -23.93
C ALA B 290 15.25 -15.95 -23.62
N HIS B 291 15.90 -16.55 -22.62
CA HIS B 291 15.54 -17.89 -22.18
C HIS B 291 14.05 -17.93 -21.79
N PRO B 292 13.38 -19.07 -22.01
CA PRO B 292 11.94 -19.13 -21.71
C PRO B 292 11.58 -18.80 -20.26
N PHE B 293 12.44 -19.14 -19.29
CA PHE B 293 12.13 -18.88 -17.89
C PHE B 293 11.82 -17.41 -17.65
N PHE B 294 12.37 -16.52 -18.47
CA PHE B 294 12.20 -15.09 -18.29
C PHE B 294 11.19 -14.49 -19.27
N GLU B 295 10.38 -15.32 -19.93
CA GLU B 295 9.54 -14.83 -21.02
C GLU B 295 8.65 -13.67 -20.59
N SER B 296 8.18 -13.67 -19.33
CA SER B 296 7.23 -12.66 -18.87
C SER B 296 7.92 -11.49 -18.16
N VAL B 297 9.24 -11.37 -18.30
CA VAL B 297 10.01 -10.34 -17.61
C VAL B 297 10.13 -9.13 -18.54
N THR B 298 9.93 -7.95 -17.97
CA THR B 298 10.30 -6.70 -18.63
C THR B 298 11.60 -6.22 -18.01
N TRP B 299 12.64 -6.15 -18.82
CA TRP B 299 13.97 -5.86 -18.27
C TRP B 299 14.22 -4.36 -18.10
N GLU B 300 13.40 -3.51 -18.72
CA GLU B 300 13.72 -2.09 -18.79
C GLU B 300 13.53 -1.41 -17.45
N ASN B 301 12.65 -1.92 -16.61
CA ASN B 301 12.34 -1.22 -15.36
C ASN B 301 12.18 -2.22 -14.21
N LEU B 302 13.09 -3.19 -14.12
CA LEU B 302 12.96 -4.20 -13.07
C LEU B 302 13.03 -3.55 -11.69
N HIS B 303 13.92 -2.56 -11.54
CA HIS B 303 14.14 -1.93 -10.25
C HIS B 303 12.99 -1.02 -9.84
N GLN B 304 12.05 -0.72 -10.73
CA GLN B 304 10.89 0.06 -10.35
C GLN B 304 9.65 -0.79 -10.13
N GLN B 305 9.64 -2.05 -10.59
CA GLN B 305 8.55 -2.96 -10.26
C GLN B 305 8.56 -3.26 -8.78
N THR B 306 7.37 -3.53 -8.23
CA THR B 306 7.27 -3.93 -6.84
C THR B 306 7.55 -5.42 -6.72
N PRO B 307 8.57 -5.82 -5.95
CA PRO B 307 8.92 -7.25 -5.85
C PRO B 307 7.73 -8.10 -5.45
N PRO B 308 7.59 -9.28 -6.00
CA PRO B 308 6.55 -10.20 -5.53
C PRO B 308 6.82 -10.61 -4.08
N LYS B 309 5.74 -10.89 -3.35
CA LYS B 309 5.85 -11.21 -1.93
C LYS B 309 6.40 -12.62 -1.75
N LEU B 310 7.22 -12.82 -0.71
CA LEU B 310 7.84 -14.12 -0.48
C LEU B 310 6.87 -15.13 0.12
N THR B 311 5.78 -14.68 0.73
CA THR B 311 4.81 -15.60 1.32
C THR B 311 3.40 -15.16 1.01
CA ARG C 27 -35.18 -15.40 -1.64
C ARG C 27 -34.05 -16.44 -1.58
N LYS C 28 -34.43 -17.71 -1.43
CA LYS C 28 -33.49 -18.82 -1.33
C LYS C 28 -32.64 -18.96 -2.61
N LYS C 29 -31.34 -19.23 -2.46
CA LYS C 29 -30.50 -19.35 -3.65
C LYS C 29 -30.59 -20.77 -4.23
N ARG C 30 -29.95 -20.95 -5.39
CA ARG C 30 -29.97 -22.18 -6.17
C ARG C 30 -28.63 -22.33 -6.87
N PRO C 31 -28.19 -23.56 -7.16
CA PRO C 31 -26.88 -23.74 -7.81
C PRO C 31 -26.68 -22.92 -9.10
N GLU C 32 -27.73 -22.71 -9.88
CA GLU C 32 -27.57 -21.99 -11.15
C GLU C 32 -27.39 -20.50 -10.96
N ASP C 33 -27.47 -19.97 -9.73
CA ASP C 33 -27.13 -18.57 -9.47
C ASP C 33 -25.61 -18.36 -9.36
N PHE C 34 -24.83 -19.43 -9.40
CA PHE C 34 -23.39 -19.37 -9.21
C PHE C 34 -22.65 -19.93 -10.41
N LYS C 35 -21.45 -19.44 -10.62
CA LYS C 35 -20.49 -20.03 -11.54
C LYS C 35 -19.40 -20.65 -10.69
N PHE C 36 -19.36 -21.97 -10.63
CA PHE C 36 -18.38 -22.65 -9.80
C PHE C 36 -17.04 -22.63 -10.49
N GLY C 37 -15.99 -22.39 -9.70
CA GLY C 37 -14.62 -22.40 -10.17
C GLY C 37 -13.79 -23.47 -9.48
N LYS C 38 -12.59 -23.12 -9.02
CA LYS C 38 -11.64 -24.12 -8.56
C LYS C 38 -12.06 -24.72 -7.23
N ILE C 39 -11.65 -25.98 -7.02
CA ILE C 39 -11.75 -26.62 -5.71
C ILE C 39 -10.82 -25.89 -4.76
N LEU C 40 -11.32 -25.53 -3.58
CA LEU C 40 -10.48 -24.90 -2.57
C LEU C 40 -10.00 -25.88 -1.52
N GLY C 41 -10.66 -27.01 -1.40
CA GLY C 41 -10.28 -28.01 -0.43
C GLY C 41 -11.30 -29.13 -0.44
N GLU C 42 -10.90 -30.29 0.06
CA GLU C 42 -11.83 -31.40 0.20
C GLU C 42 -11.71 -31.89 1.63
N GLY C 43 -12.86 -32.18 2.24
CA GLY C 43 -12.94 -32.89 3.49
C GLY C 43 -13.34 -34.34 3.29
N SER C 44 -13.61 -35.02 4.41
CA SER C 44 -13.99 -36.42 4.34
C SER C 44 -15.35 -36.59 3.68
N PHE C 45 -16.30 -35.70 3.97
CA PHE C 45 -17.60 -35.76 3.33
C PHE C 45 -17.99 -34.41 2.71
N SER C 46 -17.00 -33.65 2.24
CA SER C 46 -17.25 -32.29 1.76
C SER C 46 -16.45 -31.99 0.51
N THR C 47 -16.76 -30.84 -0.07
CA THR C 47 -16.00 -30.25 -1.16
C THR C 47 -16.26 -28.75 -1.07
N VAL C 48 -15.21 -27.95 -0.95
CA VAL C 48 -15.36 -26.50 -0.84
C VAL C 48 -14.84 -25.93 -2.15
N VAL C 49 -15.71 -25.24 -2.89
CA VAL C 49 -15.35 -24.74 -4.21
C VAL C 49 -15.60 -23.24 -4.28
N LEU C 50 -14.64 -22.53 -4.86
CA LEU C 50 -14.78 -21.11 -5.13
C LEU C 50 -15.88 -20.91 -6.15
N ALA C 51 -16.78 -19.96 -5.87
CA ALA C 51 -17.96 -19.73 -6.68
C ALA C 51 -18.18 -18.24 -6.78
N ARG C 52 -18.64 -17.79 -7.95
CA ARG C 52 -18.97 -16.39 -8.15
C ARG C 52 -20.47 -16.27 -8.38
N GLU C 53 -21.12 -15.45 -7.58
CA GLU C 53 -22.54 -15.23 -7.74
C GLU C 53 -22.78 -14.35 -8.95
N LEU C 54 -23.68 -14.79 -9.84
CA LEU C 54 -23.85 -14.10 -11.11
C LEU C 54 -24.47 -12.73 -10.93
N ALA C 55 -25.52 -12.62 -10.11
CA ALA C 55 -26.25 -11.36 -9.97
C ALA C 55 -25.38 -10.26 -9.36
N THR C 56 -24.40 -10.63 -8.54
CA THR C 56 -23.62 -9.65 -7.80
C THR C 56 -22.15 -9.60 -8.16
N SER C 57 -21.62 -10.66 -8.75
CA SER C 57 -20.20 -10.88 -8.99
C SER C 57 -19.43 -11.12 -7.70
N ARG C 58 -20.11 -11.32 -6.57
CA ARG C 58 -19.41 -11.65 -5.33
C ARG C 58 -18.83 -13.05 -5.38
N GLU C 59 -17.67 -13.23 -4.75
CA GLU C 59 -17.09 -14.55 -4.56
C GLU C 59 -17.48 -15.11 -3.20
N TYR C 60 -17.84 -16.37 -3.16
CA TYR C 60 -18.05 -17.09 -1.92
C TYR C 60 -17.30 -18.41 -1.99
N ALA C 61 -16.89 -18.92 -0.83
CA ALA C 61 -16.45 -20.30 -0.69
C ALA C 61 -17.67 -21.15 -0.38
N ILE C 62 -18.02 -22.06 -1.27
CA ILE C 62 -19.25 -22.83 -1.10
C ILE C 62 -18.89 -24.25 -0.72
N LYS C 63 -19.35 -24.64 0.47
CA LYS C 63 -19.13 -25.96 1.02
C LYS C 63 -20.28 -26.84 0.59
N ILE C 64 -19.95 -28.01 0.05
CA ILE C 64 -20.93 -28.85 -0.62
C ILE C 64 -20.83 -30.25 -0.03
N LEU C 65 -21.97 -30.79 0.40
CA LEU C 65 -22.04 -32.09 1.05
C LEU C 65 -23.00 -32.98 0.27
N GLU C 66 -22.61 -34.24 0.07
CA GLU C 66 -23.53 -35.22 -0.51
C GLU C 66 -24.51 -35.66 0.58
N LYS C 67 -25.81 -35.51 0.30
CA LYS C 67 -26.81 -36.00 1.24
C LYS C 67 -26.65 -37.48 1.52
N ARG C 68 -26.42 -38.28 0.47
CA ARG C 68 -26.45 -39.73 0.62
C ARG C 68 -25.38 -40.23 1.57
N HIS C 69 -24.19 -39.63 1.53
CA HIS C 69 -23.17 -39.94 2.53
C HIS C 69 -23.61 -39.50 3.92
N ILE C 70 -24.26 -38.34 4.01
CA ILE C 70 -24.63 -37.78 5.31
C ILE C 70 -25.67 -38.64 6.00
N ILE C 71 -26.67 -39.12 5.25
CA ILE C 71 -27.67 -39.97 5.85
C ILE C 71 -27.06 -41.31 6.25
N LYS C 72 -26.11 -41.82 5.47
CA LYS C 72 -25.53 -43.13 5.72
C LYS C 72 -24.61 -43.16 6.94
N GLU C 73 -24.22 -42.00 7.47
CA GLU C 73 -23.45 -41.93 8.70
C GLU C 73 -24.20 -41.26 9.84
N ASN C 74 -25.52 -41.03 9.67
CA ASN C 74 -26.40 -40.42 10.67
C ASN C 74 -25.81 -39.11 11.21
N LYS C 75 -25.87 -38.08 10.36
CA LYS C 75 -25.28 -36.78 10.67
C LYS C 75 -26.21 -35.61 10.36
N VAL C 76 -27.46 -35.87 9.94
CA VAL C 76 -28.42 -34.81 9.65
C VAL C 76 -28.52 -33.83 10.82
N PRO C 77 -28.59 -34.29 12.08
CA PRO C 77 -28.47 -33.33 13.18
C PRO C 77 -27.16 -32.57 13.15
N TYR C 78 -26.04 -33.30 13.04
CA TYR C 78 -24.71 -32.68 13.01
C TYR C 78 -24.66 -31.53 12.00
N VAL C 79 -25.14 -31.78 10.79
CA VAL C 79 -25.13 -30.76 9.74
C VAL C 79 -26.03 -29.60 10.13
N THR C 80 -27.19 -29.87 10.72
CA THR C 80 -28.07 -28.79 11.14
C THR C 80 -27.41 -27.91 12.21
N ARG C 81 -26.68 -28.54 13.13
CA ARG C 81 -26.04 -27.78 14.20
C ARG C 81 -25.02 -26.80 13.63
N GLU C 82 -24.11 -27.29 12.79
CA GLU C 82 -23.13 -26.39 12.18
C GLU C 82 -23.80 -25.22 11.48
N ARG C 83 -24.97 -25.44 10.90
CA ARG C 83 -25.67 -24.34 10.27
C ARG C 83 -26.12 -23.31 11.30
N ASP C 84 -26.84 -23.76 12.33
CA ASP C 84 -27.32 -22.85 13.37
C ASP C 84 -26.18 -22.11 14.05
N VAL C 85 -25.11 -22.83 14.39
CA VAL C 85 -24.00 -22.21 15.07
C VAL C 85 -23.39 -21.11 14.20
N MET C 86 -23.17 -21.40 12.93
CA MET C 86 -22.50 -20.40 12.11
C MET C 86 -23.41 -19.20 11.85
N SER C 87 -24.73 -19.42 11.76
CA SER C 87 -25.62 -18.29 11.54
C SER C 87 -25.72 -17.39 12.77
N ARG C 88 -25.37 -17.90 13.95
CA ARG C 88 -25.27 -17.07 15.14
C ARG C 88 -23.97 -16.28 15.21
N LEU C 89 -23.08 -16.44 14.24
CA LEU C 89 -21.77 -15.80 14.30
C LEU C 89 -21.77 -14.60 13.37
N ASP C 90 -21.33 -13.46 13.89
CA ASP C 90 -21.28 -12.24 13.09
C ASP C 90 -20.16 -11.37 13.67
N HIS C 91 -18.93 -11.75 13.37
CA HIS C 91 -17.80 -11.08 13.94
C HIS C 91 -16.69 -11.16 12.90
N PRO C 92 -15.86 -10.13 12.77
CA PRO C 92 -14.84 -10.15 11.72
C PRO C 92 -13.84 -11.29 11.81
N PHE C 93 -13.74 -12.00 12.92
CA PHE C 93 -12.74 -13.07 13.05
C PHE C 93 -13.32 -14.48 12.87
N PHE C 94 -14.56 -14.59 12.40
CA PHE C 94 -15.15 -15.88 12.06
C PHE C 94 -15.69 -15.83 10.65
N VAL C 95 -15.50 -16.95 9.94
CA VAL C 95 -16.19 -17.16 8.67
C VAL C 95 -17.66 -16.82 8.85
N LYS C 96 -18.17 -15.97 7.97
CA LYS C 96 -19.61 -15.73 7.90
C LYS C 96 -20.30 -16.80 7.06
N LEU C 97 -21.41 -17.32 7.56
CA LEU C 97 -22.34 -18.13 6.77
C LEU C 97 -23.37 -17.19 6.14
N TYR C 98 -23.26 -16.98 4.83
CA TYR C 98 -24.20 -16.10 4.14
C TYR C 98 -25.49 -16.80 3.76
N PHE C 99 -25.40 -18.04 3.25
CA PHE C 99 -26.63 -18.68 2.79
C PHE C 99 -26.45 -20.18 2.80
N THR C 100 -27.60 -20.87 2.81
CA THR C 100 -27.64 -22.29 2.53
C THR C 100 -28.73 -22.55 1.49
N PHE C 101 -28.57 -23.68 0.81
CA PHE C 101 -29.63 -24.20 -0.04
C PHE C 101 -29.33 -25.66 -0.31
N GLN C 102 -30.25 -26.32 -1.01
CA GLN C 102 -30.03 -27.72 -1.34
C GLN C 102 -30.62 -28.02 -2.71
N ASP C 103 -30.25 -29.18 -3.23
CA ASP C 103 -30.91 -29.75 -4.39
C ASP C 103 -31.21 -31.21 -4.06
N ASP C 104 -31.42 -32.02 -5.09
CA ASP C 104 -31.78 -33.42 -4.87
C ASP C 104 -30.63 -34.20 -4.26
N GLU C 105 -29.38 -33.78 -4.51
CA GLU C 105 -28.22 -34.54 -4.09
C GLU C 105 -27.37 -33.86 -3.05
N LYS C 106 -27.24 -32.54 -3.11
CA LYS C 106 -26.22 -31.83 -2.36
C LYS C 106 -26.83 -30.84 -1.37
N LEU C 107 -26.09 -30.60 -0.30
CA LEU C 107 -26.31 -29.48 0.61
C LEU C 107 -25.22 -28.45 0.35
N TYR C 108 -25.61 -27.18 0.25
CA TYR C 108 -24.68 -26.10 -0.07
C TYR C 108 -24.65 -25.12 1.09
N PHE C 109 -23.45 -24.71 1.50
CA PHE C 109 -23.23 -23.70 2.52
C PHE C 109 -22.47 -22.54 1.91
N GLY C 110 -23.08 -21.37 1.86
CA GLY C 110 -22.37 -20.20 1.36
C GLY C 110 -21.53 -19.51 2.41
N LEU C 111 -20.20 -19.54 2.25
CA LEU C 111 -19.26 -19.08 3.25
C LEU C 111 -18.41 -17.94 2.70
N SER C 112 -18.00 -17.03 3.58
CA SER C 112 -17.03 -16.05 3.12
C SER C 112 -15.76 -16.77 2.69
N TYR C 113 -15.08 -16.19 1.72
CA TYR C 113 -13.93 -16.83 1.09
C TYR C 113 -12.68 -16.28 1.75
N ALA C 114 -11.96 -17.14 2.47
CA ALA C 114 -10.68 -16.78 3.05
C ALA C 114 -9.61 -17.06 2.00
N LYS C 115 -9.30 -16.03 1.21
CA LYS C 115 -8.46 -16.17 0.04
C LYS C 115 -7.08 -16.74 0.36
N ASN C 116 -6.59 -16.54 1.58
CA ASN C 116 -5.20 -16.84 1.90
C ASN C 116 -5.01 -18.13 2.67
N GLY C 117 -6.06 -18.92 2.86
CA GLY C 117 -5.90 -20.27 3.37
C GLY C 117 -5.66 -20.37 4.87
N GLU C 118 -5.08 -21.50 5.27
CA GLU C 118 -4.91 -21.86 6.68
C GLU C 118 -3.69 -21.18 7.29
N LEU C 119 -3.86 -20.72 8.54
CA LEU C 119 -2.71 -20.28 9.33
C LEU C 119 -1.61 -21.33 9.39
N LEU C 120 -2.00 -22.62 9.46
CA LEU C 120 -1.03 -23.70 9.48
C LEU C 120 -0.04 -23.60 8.33
N LYS C 121 -0.52 -23.23 7.15
CA LYS C 121 0.34 -23.09 5.99
C LYS C 121 1.48 -22.11 6.25
N TYR C 122 1.19 -20.98 6.89
CA TYR C 122 2.24 -20.00 7.15
C TYR C 122 3.17 -20.44 8.27
N ILE C 123 2.67 -21.19 9.25
CA ILE C 123 3.55 -21.76 10.27
C ILE C 123 4.52 -22.75 9.65
N ARG C 124 4.01 -23.68 8.84
CA ARG C 124 4.91 -24.61 8.15
C ARG C 124 5.85 -23.88 7.20
N LYS C 125 5.36 -22.84 6.52
CA LYS C 125 6.16 -22.17 5.50
C LYS C 125 7.35 -21.46 6.11
N ILE C 126 7.12 -20.60 7.10
CA ILE C 126 8.20 -19.76 7.60
C ILE C 126 8.76 -20.25 8.91
N GLY C 127 8.26 -21.38 9.42
CA GLY C 127 8.84 -21.95 10.61
C GLY C 127 8.21 -21.43 11.88
N SER C 128 8.53 -20.21 12.26
CA SER C 128 7.99 -19.70 13.51
C SER C 128 7.89 -18.19 13.44
N PHE C 129 6.85 -17.65 14.08
CA PHE C 129 6.56 -16.24 13.95
C PHE C 129 7.46 -15.43 14.87
N ASP C 130 7.82 -14.24 14.41
CA ASP C 130 8.47 -13.28 15.29
C ASP C 130 7.50 -12.81 16.37
N GLU C 131 8.01 -12.02 17.31
CA GLU C 131 7.23 -11.64 18.48
C GLU C 131 6.06 -10.76 18.09
N THR C 132 6.28 -9.81 17.18
CA THR C 132 5.18 -8.94 16.76
C THR C 132 4.06 -9.73 16.12
N CYS C 133 4.40 -10.63 15.22
CA CYS C 133 3.37 -11.43 14.56
C CYS C 133 2.65 -12.35 15.53
N THR C 134 3.41 -13.00 16.42
CA THR C 134 2.80 -13.85 17.45
C THR C 134 1.80 -13.05 18.27
N ARG C 135 2.21 -11.87 18.73
CA ARG C 135 1.36 -11.05 19.58
C ARG C 135 0.08 -10.67 18.85
N PHE C 136 0.20 -10.28 17.58
CA PHE C 136 -0.97 -9.84 16.80
C PHE C 136 -1.96 -10.97 16.56
N TYR C 137 -1.49 -12.08 15.96
CA TYR C 137 -2.41 -13.19 15.69
C TYR C 137 -2.94 -13.83 16.98
N THR C 138 -2.14 -13.84 18.05
CA THR C 138 -2.68 -14.32 19.33
C THR C 138 -3.81 -13.41 19.80
N ALA C 139 -3.61 -12.10 19.69
CA ALA C 139 -4.62 -11.13 20.13
C ALA C 139 -5.92 -11.31 19.36
N GLU C 140 -5.84 -11.47 18.03
CA GLU C 140 -7.06 -11.75 17.27
C GLU C 140 -7.75 -13.04 17.73
N ILE C 141 -6.98 -14.10 18.02
CA ILE C 141 -7.60 -15.33 18.49
C ILE C 141 -8.29 -15.11 19.82
N VAL C 142 -7.58 -14.51 20.79
CA VAL C 142 -8.19 -14.18 22.07
C VAL C 142 -9.49 -13.43 21.85
N SER C 143 -9.40 -12.29 21.17
CA SER C 143 -10.57 -11.48 20.86
C SER C 143 -11.69 -12.32 20.23
N ALA C 144 -11.35 -13.22 19.32
CA ALA C 144 -12.36 -14.09 18.71
C ALA C 144 -12.95 -15.05 19.74
N LEU C 145 -12.12 -15.60 20.63
CA LEU C 145 -12.69 -16.48 21.64
C LEU C 145 -13.58 -15.71 22.63
N GLU C 146 -13.20 -14.47 22.95
CA GLU C 146 -14.05 -13.65 23.81
C GLU C 146 -15.46 -13.55 23.25
N TYR C 147 -15.58 -13.25 21.96
CA TYR C 147 -16.89 -13.16 21.33
C TYR C 147 -17.61 -14.50 21.38
N LEU C 148 -16.92 -15.57 20.98
CA LEU C 148 -17.53 -16.89 20.87
C LEU C 148 -18.06 -17.36 22.22
N HIS C 149 -17.18 -17.37 23.23
CA HIS C 149 -17.58 -17.81 24.56
C HIS C 149 -18.65 -16.89 25.15
N GLY C 150 -18.60 -15.59 24.81
CA GLY C 150 -19.71 -14.72 25.15
C GLY C 150 -21.05 -15.29 24.74
N LYS C 151 -21.14 -15.79 23.52
CA LYS C 151 -22.36 -16.42 23.03
C LYS C 151 -22.55 -17.85 23.55
N GLY C 152 -21.76 -18.29 24.53
CA GLY C 152 -21.98 -19.62 25.11
C GLY C 152 -21.65 -20.81 24.23
N ILE C 153 -20.66 -20.68 23.34
CA ILE C 153 -20.30 -21.73 22.40
C ILE C 153 -18.86 -22.13 22.68
N ILE C 154 -18.63 -23.43 22.87
CA ILE C 154 -17.27 -23.97 22.86
C ILE C 154 -16.93 -24.36 21.43
N HIS C 155 -15.71 -24.04 20.97
CA HIS C 155 -15.32 -24.49 19.63
C HIS C 155 -14.95 -25.98 19.59
N ARG C 156 -14.07 -26.41 20.48
CA ARG C 156 -13.67 -27.80 20.76
C ARG C 156 -12.68 -28.35 19.74
N ASP C 157 -12.37 -27.63 18.66
CA ASP C 157 -11.40 -28.14 17.70
C ASP C 157 -10.58 -26.98 17.15
N LEU C 158 -10.11 -26.12 18.03
CA LEU C 158 -9.34 -24.95 17.62
C LEU C 158 -7.91 -25.36 17.33
N LYS C 159 -7.38 -24.86 16.22
CA LYS C 159 -6.06 -25.28 15.76
C LYS C 159 -5.65 -24.51 14.51
N PRO C 160 -4.36 -24.39 14.24
CA PRO C 160 -3.93 -23.60 13.08
C PRO C 160 -4.65 -24.00 11.82
N GLU C 161 -5.03 -25.26 11.69
CA GLU C 161 -5.76 -25.68 10.49
C GLU C 161 -7.14 -25.04 10.42
N ASN C 162 -7.75 -24.72 11.56
CA ASN C 162 -9.11 -24.22 11.59
C ASN C 162 -9.16 -22.71 11.64
N ILE C 163 -8.01 -22.04 11.53
CA ILE C 163 -7.91 -20.60 11.58
C ILE C 163 -7.52 -20.13 10.19
N LEU C 164 -8.49 -19.69 9.42
CA LEU C 164 -8.20 -19.25 8.07
C LEU C 164 -7.78 -17.80 8.10
N LEU C 165 -7.36 -17.31 6.94
CA LEU C 165 -6.80 -15.97 6.80
C LEU C 165 -7.42 -15.33 5.56
N ASN C 166 -7.98 -14.14 5.72
CA ASN C 166 -8.64 -13.49 4.59
C ASN C 166 -7.58 -12.80 3.75
N GLU C 167 -8.03 -12.04 2.74
CA GLU C 167 -7.11 -11.39 1.82
C GLU C 167 -6.22 -10.38 2.53
N ASP C 168 -6.72 -9.72 3.56
CA ASP C 168 -5.89 -8.78 4.29
C ASP C 168 -5.14 -9.40 5.45
N MET C 169 -5.18 -10.73 5.59
CA MET C 169 -4.37 -11.49 6.54
C MET C 169 -4.86 -11.34 7.97
N HIS C 170 -6.17 -11.18 8.12
CA HIS C 170 -6.85 -11.32 9.40
C HIS C 170 -7.44 -12.71 9.49
N ILE C 171 -7.54 -13.21 10.72
CA ILE C 171 -7.97 -14.60 10.93
C ILE C 171 -9.45 -14.74 10.65
N GLN C 172 -9.82 -15.93 10.19
CA GLN C 172 -11.20 -16.34 9.98
C GLN C 172 -11.33 -17.75 10.56
N ILE C 173 -11.83 -17.85 11.78
CA ILE C 173 -11.96 -19.16 12.40
C ILE C 173 -13.13 -19.89 11.77
N THR C 174 -12.92 -21.16 11.45
CA THR C 174 -13.93 -21.94 10.74
C THR C 174 -14.11 -23.27 11.44
N ASP C 175 -14.97 -24.14 10.87
CA ASP C 175 -15.18 -25.53 11.27
C ASP C 175 -15.92 -25.68 12.59
N PHE C 176 -17.26 -25.63 12.54
CA PHE C 176 -18.09 -25.63 13.74
C PHE C 176 -18.99 -26.85 13.86
N GLY C 177 -18.85 -27.84 12.98
CA GLY C 177 -19.61 -29.06 13.13
C GLY C 177 -19.35 -29.75 14.45
N THR C 178 -18.18 -29.51 15.04
CA THR C 178 -17.82 -30.09 16.33
C THR C 178 -18.14 -29.16 17.50
N ALA C 179 -18.70 -27.99 17.23
CA ALA C 179 -18.95 -27.00 18.28
C ALA C 179 -20.01 -27.49 19.27
N LYS C 180 -19.93 -26.95 20.49
CA LYS C 180 -20.90 -27.23 21.53
C LYS C 180 -21.59 -25.93 21.89
N VAL C 181 -22.92 -25.93 21.80
CA VAL C 181 -23.75 -24.86 22.35
C VAL C 181 -24.11 -25.27 23.78
N LEU C 182 -23.99 -24.33 24.72
CA LEU C 182 -24.20 -24.64 26.14
C LEU C 182 -25.64 -24.38 26.60
N ASN C 192 -20.75 -33.36 25.44
CA ASN C 192 -19.82 -34.28 26.09
C ASN C 192 -19.35 -35.38 25.13
N SEP C 193 -19.15 -35.02 23.86
CA SEP C 193 -18.70 -35.97 22.83
CB SEP C 193 -19.28 -35.58 21.46
OG SEP C 193 -20.69 -35.70 21.41
C SEP C 193 -17.18 -36.02 22.75
O SEP C 193 -16.51 -35.10 23.22
P SEP C 193 -21.40 -34.27 21.21
O1P SEP C 193 -20.54 -33.37 20.19
O2P SEP C 193 -21.56 -33.51 22.62
O3P SEP C 193 -22.87 -34.50 20.56
N PHE C 194 -16.65 -37.09 22.16
CA PHE C 194 -15.20 -37.27 22.04
C PHE C 194 -14.67 -36.68 20.72
N VAL C 195 -14.63 -35.35 20.64
CA VAL C 195 -14.15 -34.66 19.45
C VAL C 195 -12.85 -33.92 19.79
N GLY C 196 -12.17 -33.45 18.74
CA GLY C 196 -10.94 -32.72 18.89
C GLY C 196 -9.85 -33.22 17.95
N THR C 197 -8.67 -32.63 18.08
CA THR C 197 -7.46 -33.04 17.40
C THR C 197 -6.39 -33.25 18.44
N ALA C 198 -5.67 -34.38 18.33
CA ALA C 198 -4.90 -34.93 19.45
C ALA C 198 -3.98 -33.88 20.06
N GLN C 199 -3.20 -33.20 19.21
CA GLN C 199 -2.17 -32.30 19.73
C GLN C 199 -2.76 -31.08 20.43
N TYR C 200 -4.05 -30.77 20.23
CA TYR C 200 -4.65 -29.59 20.85
C TYR C 200 -5.74 -29.93 21.86
N VAL C 201 -6.01 -31.21 22.10
CA VAL C 201 -7.12 -31.60 22.95
C VAL C 201 -6.71 -31.44 24.40
N SER C 202 -7.66 -31.08 25.22
CA SER C 202 -7.33 -30.68 26.58
C SER C 202 -7.45 -31.84 27.54
N PRO C 203 -6.70 -31.79 28.66
CA PRO C 203 -6.67 -32.95 29.55
C PRO C 203 -8.04 -33.38 30.01
N GLU C 204 -8.95 -32.43 30.24
CA GLU C 204 -10.26 -32.81 30.78
C GLU C 204 -11.04 -33.67 29.80
N LEU C 205 -10.78 -33.51 28.50
CA LEU C 205 -11.52 -34.25 27.50
C LEU C 205 -11.16 -35.73 27.52
N LEU C 206 -9.89 -36.06 27.76
CA LEU C 206 -9.46 -37.45 27.87
C LEU C 206 -9.25 -37.86 29.33
N THR C 207 -10.13 -37.38 30.20
CA THR C 207 -10.14 -37.74 31.62
C THR C 207 -11.60 -37.78 32.06
N GLU C 208 -12.40 -36.90 31.46
CA GLU C 208 -13.77 -36.70 31.90
C GLU C 208 -14.79 -36.71 30.77
N LYS C 209 -14.34 -36.73 29.51
CA LYS C 209 -15.21 -36.69 28.34
C LYS C 209 -16.23 -35.54 28.44
N SER C 210 -15.77 -34.42 29.00
CA SER C 210 -16.60 -33.21 29.09
C SER C 210 -15.73 -32.01 28.77
N ALA C 211 -16.05 -31.35 27.66
CA ALA C 211 -15.37 -30.11 27.31
C ALA C 211 -16.11 -28.92 27.92
N CYS C 212 -15.38 -27.82 28.07
CA CYS C 212 -15.93 -26.56 28.56
C CYS C 212 -15.25 -25.42 27.81
N LYS C 213 -15.71 -24.18 28.06
CA LYS C 213 -15.11 -23.04 27.38
C LYS C 213 -13.61 -23.04 27.56
N SER C 214 -13.15 -23.35 28.76
CA SER C 214 -11.73 -23.31 29.06
C SER C 214 -10.93 -24.31 28.21
N SER C 215 -11.60 -25.33 27.64
CA SER C 215 -10.87 -26.24 26.75
C SER C 215 -10.33 -25.50 25.52
N ASP C 216 -11.09 -24.51 25.01
CA ASP C 216 -10.55 -23.70 23.92
C ASP C 216 -9.31 -22.93 24.36
N LEU C 217 -9.22 -22.58 25.64
CA LEU C 217 -8.08 -21.79 26.11
C LEU C 217 -6.81 -22.63 26.22
N TRP C 218 -6.94 -23.93 26.52
CA TRP C 218 -5.83 -24.85 26.39
C TRP C 218 -5.35 -24.94 24.94
N ALA C 219 -6.27 -25.07 23.98
CA ALA C 219 -5.86 -25.03 22.57
C ALA C 219 -5.13 -23.73 22.24
N LEU C 220 -5.69 -22.57 22.63
CA LEU C 220 -4.98 -21.30 22.50
C LEU C 220 -3.56 -21.39 23.07
N GLY C 221 -3.42 -21.98 24.25
CA GLY C 221 -2.08 -22.26 24.77
C GLY C 221 -1.21 -23.00 23.78
N CYS C 222 -1.74 -24.06 23.18
CA CYS C 222 -0.93 -24.85 22.24
C CYS C 222 -0.59 -24.03 21.01
N ILE C 223 -1.57 -23.30 20.47
CA ILE C 223 -1.36 -22.47 19.30
C ILE C 223 -0.29 -21.41 19.54
N ILE C 224 -0.34 -20.73 20.69
CA ILE C 224 0.68 -19.70 20.96
C ILE C 224 2.06 -20.34 20.95
N TYR C 225 2.20 -21.49 21.64
CA TYR C 225 3.46 -22.20 21.64
C TYR C 225 3.89 -22.54 20.22
N GLN C 226 2.97 -23.08 19.42
CA GLN C 226 3.29 -23.43 18.04
C GLN C 226 3.74 -22.22 17.25
N LEU C 227 3.15 -21.04 17.49
CA LEU C 227 3.50 -19.87 16.72
C LEU C 227 4.95 -19.48 16.93
N VAL C 228 5.45 -19.60 18.17
CA VAL C 228 6.79 -19.09 18.46
C VAL C 228 7.83 -20.21 18.42
N ALA C 229 7.46 -21.42 18.82
CA ALA C 229 8.39 -22.53 18.77
C ALA C 229 8.46 -23.23 17.42
N GLY C 230 7.47 -23.02 16.54
CA GLY C 230 7.43 -23.69 15.26
C GLY C 230 6.63 -24.97 15.22
N LEU C 231 6.34 -25.55 16.39
CA LEU C 231 5.69 -26.84 16.49
C LEU C 231 4.84 -26.83 17.75
N PRO C 232 3.75 -27.59 17.79
CA PRO C 232 2.92 -27.65 18.99
C PRO C 232 3.68 -28.35 20.11
N PRO C 233 3.32 -28.09 21.38
CA PRO C 233 4.24 -28.46 22.47
C PRO C 233 4.26 -29.95 22.80
N PHE C 234 3.12 -30.65 22.65
CA PHE C 234 2.99 -32.07 23.00
C PHE C 234 3.08 -32.90 21.73
N ARG C 235 4.25 -33.53 21.49
CA ARG C 235 4.49 -34.25 20.24
C ARG C 235 5.03 -35.64 20.56
N ALA C 236 4.48 -36.65 19.88
CA ALA C 236 4.99 -38.01 19.99
C ALA C 236 4.64 -38.78 18.72
N GLY C 237 5.02 -40.07 18.72
CA GLY C 237 4.91 -40.91 17.53
C GLY C 237 3.53 -41.46 17.23
N ASN C 238 2.64 -41.53 18.22
CA ASN C 238 1.28 -41.97 17.95
C ASN C 238 0.32 -41.22 18.83
N GLU C 239 -0.97 -41.25 18.45
CA GLU C 239 -2.01 -40.53 19.17
C GLU C 239 -2.01 -40.85 20.65
N GLY C 240 -1.62 -42.08 21.00
CA GLY C 240 -1.63 -42.49 22.39
C GLY C 240 -0.51 -41.86 23.18
N LEU C 241 0.71 -41.85 22.64
CA LEU C 241 1.81 -41.26 23.40
C LEU C 241 1.61 -39.77 23.56
N ILE C 242 0.93 -39.13 22.60
CA ILE C 242 0.63 -37.71 22.74
C ILE C 242 -0.36 -37.47 23.87
N PHE C 243 -1.35 -38.36 24.02
CA PHE C 243 -2.29 -38.23 25.14
C PHE C 243 -1.57 -38.28 26.48
N ALA C 244 -0.61 -39.21 26.62
CA ALA C 244 0.12 -39.36 27.88
C ALA C 244 0.92 -38.10 28.19
N LYS C 245 1.46 -37.45 27.15
CA LYS C 245 2.19 -36.22 27.40
C LYS C 245 1.25 -35.12 27.88
N ILE C 246 -0.01 -35.16 27.46
CA ILE C 246 -0.96 -34.10 27.82
C ILE C 246 -1.33 -34.18 29.28
N ILE C 247 -1.82 -35.35 29.74
CA ILE C 247 -2.33 -35.43 31.10
C ILE C 247 -1.25 -35.28 32.13
N LYS C 248 0.00 -35.51 31.75
CA LYS C 248 1.13 -35.25 32.63
C LYS C 248 1.69 -33.84 32.46
N LEU C 249 1.12 -33.04 31.56
CA LEU C 249 1.61 -31.70 31.28
C LEU C 249 3.11 -31.76 30.98
N GLU C 250 3.46 -32.65 30.05
CA GLU C 250 4.85 -33.03 29.80
C GLU C 250 5.31 -32.40 28.49
N TYR C 251 5.96 -31.24 28.59
CA TYR C 251 6.51 -30.52 27.46
C TYR C 251 7.56 -29.55 28.00
N ASP C 252 8.38 -29.01 27.09
CA ASP C 252 9.40 -28.04 27.48
C ASP C 252 9.45 -26.87 26.52
N PHE C 253 9.83 -25.73 27.06
CA PHE C 253 10.10 -24.58 26.22
C PHE C 253 11.51 -24.64 25.67
N PRO C 254 11.70 -24.32 24.40
CA PRO C 254 13.06 -24.14 23.87
C PRO C 254 13.69 -22.88 24.45
N GLU C 255 15.00 -22.78 24.26
CA GLU C 255 15.73 -21.65 24.86
C GLU C 255 15.35 -20.32 24.22
N LYS C 256 15.04 -20.32 22.92
CA LYS C 256 14.68 -19.09 22.21
C LYS C 256 13.16 -18.95 22.17
N PHE C 257 12.58 -18.65 23.33
CA PHE C 257 11.14 -18.49 23.46
C PHE C 257 10.87 -17.17 24.19
N PHE C 258 10.08 -16.30 23.59
CA PHE C 258 9.82 -14.98 24.14
C PHE C 258 9.25 -15.10 25.56
N PRO C 259 9.89 -14.52 26.57
CA PRO C 259 9.51 -14.86 27.96
C PRO C 259 8.11 -14.42 28.33
N LYS C 260 7.67 -13.25 27.88
CA LYS C 260 6.29 -12.85 28.13
C LYS C 260 5.32 -13.81 27.46
N ALA C 261 5.72 -14.44 26.36
CA ALA C 261 4.86 -15.45 25.75
C ALA C 261 4.96 -16.78 26.49
N ARG C 262 6.14 -17.11 27.02
CA ARG C 262 6.25 -18.32 27.83
C ARG C 262 5.35 -18.22 29.06
N ASP C 263 5.35 -17.06 29.72
CA ASP C 263 4.52 -16.88 30.90
C ASP C 263 3.04 -17.03 30.56
N LEU C 264 2.59 -16.42 29.46
CA LEU C 264 1.22 -16.58 29.04
C LEU C 264 0.89 -18.05 28.78
N VAL C 265 1.77 -18.75 28.07
CA VAL C 265 1.52 -20.17 27.84
C VAL C 265 1.47 -20.93 29.17
N GLU C 266 2.39 -20.61 30.08
CA GLU C 266 2.35 -21.27 31.38
C GLU C 266 1.04 -20.99 32.12
N LYS C 267 0.37 -19.87 31.83
CA LYS C 267 -0.91 -19.58 32.44
C LYS C 267 -2.09 -20.16 31.67
N LEU C 268 -1.86 -20.72 30.49
CA LEU C 268 -2.94 -21.39 29.77
C LEU C 268 -2.84 -22.91 29.84
N LEU C 269 -1.63 -23.46 29.73
CA LEU C 269 -1.47 -24.91 29.67
C LEU C 269 -1.40 -25.42 31.10
N VAL C 270 -2.59 -25.48 31.71
CA VAL C 270 -2.77 -25.79 33.12
C VAL C 270 -3.81 -26.90 33.21
N LEU C 271 -3.53 -27.91 34.03
CA LEU C 271 -4.37 -29.11 34.07
C LEU C 271 -5.76 -28.82 34.64
N ASP C 272 -5.82 -27.98 35.68
CA ASP C 272 -7.11 -27.65 36.29
C ASP C 272 -7.79 -26.60 35.41
N ALA C 273 -8.88 -26.99 34.73
CA ALA C 273 -9.50 -26.14 33.72
C ALA C 273 -10.06 -24.86 34.33
N THR C 274 -10.39 -24.89 35.63
CA THR C 274 -10.85 -23.71 36.34
C THR C 274 -9.74 -22.74 36.61
N LYS C 275 -8.51 -23.01 36.17
CA LYS C 275 -7.36 -22.19 36.54
C LYS C 275 -6.68 -21.55 35.35
N ARG C 276 -7.31 -21.59 34.17
CA ARG C 276 -6.72 -21.04 32.96
C ARG C 276 -7.11 -19.57 32.84
N LEU C 277 -6.10 -18.71 32.68
CA LEU C 277 -6.33 -17.30 32.39
C LEU C 277 -7.34 -17.15 31.25
N GLY C 278 -8.38 -16.35 31.49
CA GLY C 278 -9.52 -16.22 30.61
C GLY C 278 -10.74 -17.03 31.00
N CYS C 279 -10.59 -18.06 31.83
CA CYS C 279 -11.77 -18.87 32.09
C CYS C 279 -12.69 -18.17 33.10
N GLU C 280 -13.95 -18.56 33.08
CA GLU C 280 -14.96 -17.95 33.95
C GLU C 280 -14.52 -17.96 35.41
N GLU C 281 -14.04 -19.11 35.90
CA GLU C 281 -13.64 -19.21 37.31
C GLU C 281 -12.47 -18.31 37.65
N MET C 282 -11.76 -17.83 36.62
CA MET C 282 -10.66 -16.87 36.73
C MET C 282 -11.10 -15.46 36.34
N GLU C 283 -12.42 -15.22 36.28
CA GLU C 283 -13.04 -13.92 35.98
C GLU C 283 -12.87 -13.48 34.53
N GLY C 284 -12.84 -14.42 33.59
CA GLY C 284 -13.09 -14.09 32.19
C GLY C 284 -11.95 -13.40 31.47
N TYR C 285 -12.31 -12.67 30.40
CA TYR C 285 -11.31 -12.26 29.41
C TYR C 285 -10.60 -10.96 29.77
N GLY C 286 -11.13 -10.18 30.72
CA GLY C 286 -10.47 -8.97 31.15
C GLY C 286 -9.07 -9.24 31.65
N PRO C 287 -8.93 -10.15 32.60
CA PRO C 287 -7.58 -10.50 33.06
C PRO C 287 -6.69 -11.12 32.00
N LEU C 288 -7.24 -11.89 31.05
CA LEU C 288 -6.38 -12.44 29.99
C LEU C 288 -5.90 -11.35 29.06
N LYS C 289 -6.80 -10.49 28.58
CA LYS C 289 -6.40 -9.37 27.73
C LYS C 289 -5.48 -8.39 28.44
N ALA C 290 -5.39 -8.47 29.76
CA ALA C 290 -4.52 -7.57 30.52
C ALA C 290 -3.14 -8.16 30.76
N HIS C 291 -2.85 -9.33 30.19
CA HIS C 291 -1.57 -9.97 30.39
C HIS C 291 -0.46 -9.12 29.80
N PRO C 292 0.74 -9.15 30.39
CA PRO C 292 1.86 -8.38 29.84
C PRO C 292 2.10 -8.57 28.35
N PHE C 293 1.89 -9.77 27.83
CA PHE C 293 2.18 -10.04 26.43
C PHE C 293 1.32 -9.20 25.49
N PHE C 294 0.19 -8.67 25.97
CA PHE C 294 -0.72 -7.88 25.17
C PHE C 294 -0.64 -6.39 25.50
N GLU C 295 0.45 -5.96 26.12
CA GLU C 295 0.51 -4.59 26.65
C GLU C 295 0.26 -3.56 25.56
N SER C 296 0.87 -3.74 24.38
CA SER C 296 0.78 -2.75 23.32
C SER C 296 -0.46 -2.88 22.46
N VAL C 297 -1.35 -3.81 22.76
CA VAL C 297 -2.46 -4.14 21.89
C VAL C 297 -3.65 -3.22 22.17
N THR C 298 -4.13 -2.56 21.11
CA THR C 298 -5.40 -1.83 21.20
C THR C 298 -6.49 -2.78 20.73
N TRP C 299 -7.34 -3.23 21.67
CA TRP C 299 -8.28 -4.28 21.34
C TRP C 299 -9.43 -3.80 20.48
N GLU C 300 -9.67 -2.48 20.46
CA GLU C 300 -10.94 -1.95 19.94
C GLU C 300 -11.02 -2.03 18.42
N ASN C 301 -9.89 -2.00 17.71
CA ASN C 301 -9.94 -2.05 16.25
C ASN C 301 -8.86 -2.96 15.69
N LEU C 302 -8.72 -4.17 16.27
CA LEU C 302 -7.70 -5.08 15.76
C LEU C 302 -7.96 -5.44 14.30
N HIS C 303 -9.24 -5.60 13.94
CA HIS C 303 -9.61 -6.05 12.60
C HIS C 303 -9.44 -4.97 11.56
N GLN C 304 -9.23 -3.71 11.94
CA GLN C 304 -8.90 -2.65 11.00
C GLN C 304 -7.42 -2.35 10.94
N GLN C 305 -6.64 -2.86 11.89
CA GLN C 305 -5.20 -2.68 11.81
C GLN C 305 -4.63 -3.53 10.68
N THR C 306 -3.55 -3.05 10.07
CA THR C 306 -2.89 -3.85 9.04
C THR C 306 -1.95 -4.86 9.71
N PRO C 307 -2.15 -6.16 9.50
CA PRO C 307 -1.36 -7.15 10.22
C PRO C 307 0.13 -7.00 9.91
N PRO C 308 0.99 -7.35 10.85
CA PRO C 308 2.43 -7.28 10.58
C PRO C 308 2.84 -8.32 9.55
N LYS C 309 3.90 -7.99 8.80
CA LYS C 309 4.40 -8.87 7.76
C LYS C 309 5.12 -10.09 8.36
N LEU C 310 4.80 -11.27 7.83
CA LEU C 310 5.36 -12.50 8.37
C LEU C 310 6.88 -12.58 8.18
N THR C 311 7.41 -11.98 7.12
CA THR C 311 8.86 -11.99 6.89
C THR C 311 9.38 -10.57 6.68
N PRO D 26 -32.01 -14.68 16.08
CA PRO D 26 -31.24 -13.48 15.76
C PRO D 26 -31.55 -12.30 16.71
N ARG D 27 -30.89 -12.25 17.87
CA ARG D 27 -31.19 -11.27 18.93
C ARG D 27 -31.19 -9.85 18.37
N LYS D 28 -32.33 -9.18 18.53
CA LYS D 28 -32.45 -7.80 18.10
C LYS D 28 -31.48 -6.91 18.89
N LYS D 29 -30.92 -5.92 18.22
CA LYS D 29 -29.93 -5.06 18.85
C LYS D 29 -30.61 -3.89 19.55
N ARG D 30 -29.79 -3.09 20.24
CA ARG D 30 -30.24 -2.04 21.13
C ARG D 30 -29.21 -0.93 21.09
N PRO D 31 -29.61 0.32 21.38
CA PRO D 31 -28.63 1.42 21.32
C PRO D 31 -27.42 1.18 22.21
N GLU D 32 -27.59 0.55 23.37
CA GLU D 32 -26.49 0.34 24.30
C GLU D 32 -25.43 -0.62 23.76
N ASP D 33 -25.75 -1.41 22.73
CA ASP D 33 -24.76 -2.23 22.05
C ASP D 33 -23.73 -1.41 21.27
N PHE D 34 -23.86 -0.08 21.19
CA PHE D 34 -23.03 0.73 20.32
C PHE D 34 -22.41 1.89 21.08
N LYS D 35 -21.21 2.27 20.66
CA LYS D 35 -20.63 3.55 21.02
C LYS D 35 -20.83 4.48 19.82
N PHE D 36 -21.71 5.46 19.99
CA PHE D 36 -21.95 6.43 18.93
C PHE D 36 -20.80 7.42 18.89
N GLY D 37 -20.38 7.77 17.69
CA GLY D 37 -19.32 8.75 17.56
C GLY D 37 -19.77 9.95 16.77
N LYS D 38 -19.02 10.31 15.73
CA LYS D 38 -19.28 11.59 15.09
C LYS D 38 -20.54 11.55 14.23
N ILE D 39 -21.10 12.74 14.04
CA ILE D 39 -22.25 12.94 13.15
C ILE D 39 -21.74 12.86 11.73
N LEU D 40 -22.32 11.97 10.94
CA LEU D 40 -21.88 11.88 9.56
C LEU D 40 -22.64 12.84 8.67
N GLY D 41 -23.87 13.18 9.05
CA GLY D 41 -24.66 14.14 8.32
C GLY D 41 -26.06 14.17 8.89
N GLU D 42 -26.82 15.16 8.43
CA GLU D 42 -28.20 15.33 8.85
C GLU D 42 -29.12 15.45 7.64
N GLY D 43 -30.34 14.95 7.80
CA GLY D 43 -31.41 15.17 6.87
C GLY D 43 -32.53 15.99 7.51
N SER D 44 -33.57 16.22 6.71
CA SER D 44 -34.70 17.01 7.19
C SER D 44 -35.35 16.33 8.39
N PHE D 45 -35.43 15.00 8.38
CA PHE D 45 -35.99 14.26 9.50
C PHE D 45 -35.13 13.03 9.80
N SER D 46 -33.84 13.25 10.05
CA SER D 46 -32.94 12.15 10.29
C SER D 46 -31.66 12.63 10.98
N THR D 47 -30.83 11.66 11.38
CA THR D 47 -29.44 11.89 11.74
C THR D 47 -28.70 10.59 11.47
N VAL D 48 -27.53 10.71 10.84
CA VAL D 48 -26.69 9.56 10.56
C VAL D 48 -25.42 9.73 11.35
N VAL D 49 -25.11 8.76 12.22
CA VAL D 49 -23.94 8.88 13.07
C VAL D 49 -23.09 7.64 12.95
N LEU D 50 -21.78 7.85 12.90
CA LEU D 50 -20.81 6.77 12.95
C LEU D 50 -20.88 6.07 14.29
N ALA D 51 -20.97 4.75 14.27
CA ALA D 51 -21.15 3.99 15.49
C ALA D 51 -20.33 2.72 15.45
N ARG D 52 -19.77 2.36 16.59
CA ARG D 52 -18.99 1.14 16.73
C ARG D 52 -19.79 0.16 17.56
N GLU D 53 -20.01 -1.04 17.03
CA GLU D 53 -20.66 -2.12 17.76
C GLU D 53 -19.68 -2.73 18.76
N LEU D 54 -20.05 -2.77 20.04
CA LEU D 54 -19.07 -3.09 21.08
C LEU D 54 -18.64 -4.57 21.02
N ALA D 55 -19.57 -5.49 20.79
CA ALA D 55 -19.22 -6.91 20.77
C ALA D 55 -18.28 -7.23 19.61
N THR D 56 -18.50 -6.61 18.44
CA THR D 56 -17.77 -6.98 17.24
C THR D 56 -16.71 -5.98 16.81
N SER D 57 -16.75 -4.75 17.31
CA SER D 57 -15.88 -3.65 16.90
C SER D 57 -16.19 -3.11 15.51
N ARG D 58 -17.22 -3.62 14.83
CA ARG D 58 -17.52 -3.13 13.48
C ARG D 58 -18.03 -1.71 13.54
N GLU D 59 -17.84 -0.97 12.43
CA GLU D 59 -18.36 0.38 12.29
C GLU D 59 -19.60 0.35 11.41
N TYR D 60 -20.61 1.09 11.81
CA TYR D 60 -21.79 1.27 11.00
C TYR D 60 -22.16 2.74 11.00
N ALA D 61 -22.79 3.18 9.91
CA ALA D 61 -23.46 4.46 9.86
C ALA D 61 -24.89 4.18 10.26
N ILE D 62 -25.30 4.67 11.42
CA ILE D 62 -26.62 4.36 11.94
C ILE D 62 -27.52 5.56 11.71
N LYS D 63 -28.53 5.37 10.85
CA LYS D 63 -29.50 6.42 10.53
C LYS D 63 -30.61 6.39 11.56
N ILE D 64 -30.83 7.52 12.22
CA ILE D 64 -31.66 7.63 13.42
C ILE D 64 -32.81 8.56 13.09
N LEU D 65 -34.03 8.04 13.13
CA LEU D 65 -35.24 8.80 12.87
C LEU D 65 -36.00 8.97 14.17
N GLU D 66 -36.57 10.16 14.36
CA GLU D 66 -37.38 10.44 15.55
C GLU D 66 -38.82 10.06 15.24
N LYS D 67 -39.37 9.14 16.04
CA LYS D 67 -40.73 8.65 15.78
C LYS D 67 -41.74 9.79 15.73
N ARG D 68 -41.64 10.72 16.69
CA ARG D 68 -42.63 11.78 16.79
C ARG D 68 -42.83 12.48 15.45
N HIS D 69 -41.73 12.86 14.80
CA HIS D 69 -41.82 13.59 13.53
C HIS D 69 -42.46 12.73 12.44
N ILE D 70 -42.07 11.46 12.35
CA ILE D 70 -42.58 10.57 11.31
C ILE D 70 -44.09 10.49 11.38
N ILE D 71 -44.65 10.46 12.58
CA ILE D 71 -46.10 10.33 12.69
C ILE D 71 -46.81 11.67 12.41
N LYS D 72 -46.16 12.80 12.69
CA LYS D 72 -46.75 14.08 12.33
C LYS D 72 -46.89 14.22 10.82
N GLU D 73 -45.84 13.92 10.07
CA GLU D 73 -45.86 14.01 8.62
C GLU D 73 -46.43 12.77 7.94
N ASN D 74 -47.07 11.86 8.71
CA ASN D 74 -47.69 10.64 8.19
C ASN D 74 -46.72 9.86 7.31
N LYS D 75 -45.81 9.12 7.93
CA LYS D 75 -44.72 8.49 7.19
C LYS D 75 -44.39 7.10 7.70
N VAL D 76 -45.28 6.49 8.48
CA VAL D 76 -45.06 5.09 8.87
C VAL D 76 -44.99 4.18 7.67
N PRO D 77 -45.87 4.28 6.66
CA PRO D 77 -45.64 3.49 5.44
C PRO D 77 -44.29 3.77 4.81
N TYR D 78 -43.98 5.05 4.59
CA TYR D 78 -42.75 5.44 3.92
C TYR D 78 -41.52 4.84 4.60
N VAL D 79 -41.49 4.86 5.94
CA VAL D 79 -40.34 4.31 6.65
C VAL D 79 -40.30 2.79 6.50
N THR D 80 -41.47 2.13 6.52
CA THR D 80 -41.48 0.69 6.41
C THR D 80 -41.05 0.24 5.03
N ARG D 81 -41.48 0.97 3.99
CA ARG D 81 -41.01 0.66 2.64
C ARG D 81 -39.50 0.75 2.57
N GLU D 82 -38.91 1.79 3.15
CA GLU D 82 -37.47 1.98 3.08
C GLU D 82 -36.72 0.80 3.71
N ARG D 83 -37.19 0.33 4.86
CA ARG D 83 -36.56 -0.84 5.47
C ARG D 83 -36.67 -2.04 4.53
N ASP D 84 -37.85 -2.24 3.94
CA ASP D 84 -38.06 -3.42 3.11
C ASP D 84 -37.23 -3.36 1.83
N VAL D 85 -37.20 -2.20 1.16
CA VAL D 85 -36.44 -2.13 -0.08
C VAL D 85 -34.97 -2.41 0.19
N MET D 86 -34.42 -1.80 1.25
CA MET D 86 -32.99 -1.97 1.52
C MET D 86 -32.67 -3.37 2.03
N SER D 87 -33.63 -4.05 2.65
CA SER D 87 -33.37 -5.44 3.06
C SER D 87 -33.21 -6.37 1.86
N ARG D 88 -33.67 -5.95 0.67
CA ARG D 88 -33.53 -6.73 -0.55
C ARG D 88 -32.27 -6.40 -1.34
N LEU D 89 -31.34 -5.64 -0.77
CA LEU D 89 -30.21 -5.11 -1.52
C LEU D 89 -28.93 -5.73 -1.00
N ASP D 90 -28.58 -6.88 -1.57
CA ASP D 90 -27.33 -7.57 -1.28
C ASP D 90 -26.45 -7.48 -2.54
N HIS D 91 -25.77 -6.34 -2.71
CA HIS D 91 -24.92 -6.12 -3.87
C HIS D 91 -23.80 -5.14 -3.51
N PRO D 92 -22.58 -5.35 -4.00
CA PRO D 92 -21.45 -4.52 -3.56
C PRO D 92 -21.57 -3.04 -3.91
N PHE D 93 -22.47 -2.63 -4.81
CA PHE D 93 -22.59 -1.22 -5.16
C PHE D 93 -23.79 -0.56 -4.49
N PHE D 94 -24.39 -1.19 -3.47
CA PHE D 94 -25.46 -0.58 -2.69
C PHE D 94 -25.13 -0.65 -1.21
N VAL D 95 -25.48 0.42 -0.48
CA VAL D 95 -25.39 0.40 0.97
C VAL D 95 -26.18 -0.79 1.50
N LYS D 96 -25.56 -1.59 2.36
CA LYS D 96 -26.25 -2.70 2.96
C LYS D 96 -26.94 -2.27 4.25
N LEU D 97 -28.18 -2.75 4.42
CA LEU D 97 -28.91 -2.62 5.68
C LEU D 97 -28.62 -3.86 6.52
N TYR D 98 -27.94 -3.68 7.65
CA TYR D 98 -27.60 -4.81 8.50
C TYR D 98 -28.62 -5.08 9.59
N PHE D 99 -29.32 -4.06 10.10
CA PHE D 99 -30.28 -4.26 11.18
C PHE D 99 -31.10 -3.00 11.36
N THR D 100 -32.29 -3.17 11.94
CA THR D 100 -33.06 -2.06 12.45
C THR D 100 -33.43 -2.35 13.88
N PHE D 101 -33.61 -1.29 14.66
CA PHE D 101 -34.19 -1.44 16.00
C PHE D 101 -34.83 -0.11 16.40
N GLN D 102 -35.47 -0.11 17.56
CA GLN D 102 -36.12 1.11 18.02
C GLN D 102 -36.03 1.18 19.53
N ASP D 103 -36.23 2.38 20.04
CA ASP D 103 -36.50 2.57 21.45
C ASP D 103 -37.68 3.52 21.57
N ASP D 104 -37.97 3.99 22.79
CA ASP D 104 -39.16 4.80 23.03
C ASP D 104 -39.27 5.98 22.06
N GLU D 105 -38.13 6.54 21.63
CA GLU D 105 -38.14 7.76 20.83
C GLU D 105 -37.69 7.59 19.39
N LYS D 106 -36.87 6.59 19.07
CA LYS D 106 -36.14 6.62 17.81
C LYS D 106 -36.32 5.34 17.02
N LEU D 107 -36.13 5.46 15.71
CA LEU D 107 -35.88 4.34 14.81
C LEU D 107 -34.43 4.41 14.35
N TYR D 108 -33.75 3.26 14.34
CA TYR D 108 -32.35 3.18 13.98
C TYR D 108 -32.20 2.24 12.79
N PHE D 109 -31.51 2.70 11.75
CA PHE D 109 -31.17 1.87 10.62
C PHE D 109 -29.65 1.69 10.59
N GLY D 110 -29.20 0.45 10.74
CA GLY D 110 -27.78 0.13 10.65
C GLY D 110 -27.32 -0.07 9.22
N LEU D 111 -26.53 0.86 8.74
CA LEU D 111 -26.09 0.88 7.36
C LEU D 111 -24.60 0.62 7.30
N SER D 112 -24.13 0.16 6.15
CA SER D 112 -22.69 0.15 5.95
C SER D 112 -22.20 1.59 5.88
N TYR D 113 -21.02 1.82 6.43
CA TYR D 113 -20.41 3.15 6.42
C TYR D 113 -19.61 3.32 5.13
N ALA D 114 -20.02 4.28 4.30
CA ALA D 114 -19.22 4.64 3.12
C ALA D 114 -18.24 5.74 3.56
N LYS D 115 -16.98 5.38 3.74
CA LYS D 115 -16.06 6.26 4.44
C LYS D 115 -15.74 7.52 3.64
N ASN D 116 -15.83 7.49 2.32
CA ASN D 116 -15.31 8.59 1.51
C ASN D 116 -16.37 9.53 0.98
N GLY D 117 -17.62 9.39 1.42
CA GLY D 117 -18.60 10.42 1.17
C GLY D 117 -19.22 10.36 -0.21
N GLU D 118 -19.88 11.46 -0.58
CA GLU D 118 -20.66 11.52 -1.80
C GLU D 118 -19.76 11.68 -3.02
N LEU D 119 -20.18 11.08 -4.12
CA LEU D 119 -19.48 11.28 -5.38
C LEU D 119 -19.42 12.75 -5.74
N LEU D 120 -20.50 13.50 -5.43
CA LEU D 120 -20.59 14.91 -5.77
C LEU D 120 -19.38 15.68 -5.27
N LYS D 121 -18.85 15.28 -4.12
CA LYS D 121 -17.67 15.92 -3.55
C LYS D 121 -16.48 15.82 -4.49
N TYR D 122 -16.32 14.68 -5.18
CA TYR D 122 -15.14 14.51 -6.01
C TYR D 122 -15.29 15.19 -7.37
N ILE D 123 -16.52 15.36 -7.83
CA ILE D 123 -16.75 16.16 -9.03
C ILE D 123 -16.35 17.60 -8.76
N ARG D 124 -16.75 18.12 -7.61
CA ARG D 124 -16.40 19.48 -7.22
C ARG D 124 -14.91 19.61 -6.96
N LYS D 125 -14.33 18.61 -6.28
CA LYS D 125 -12.90 18.67 -5.96
C LYS D 125 -12.05 18.76 -7.22
N ILE D 126 -12.30 17.89 -8.20
CA ILE D 126 -11.42 17.86 -9.35
C ILE D 126 -12.02 18.51 -10.59
N GLY D 127 -13.25 19.00 -10.50
CA GLY D 127 -13.78 19.76 -11.61
C GLY D 127 -14.53 18.89 -12.60
N SER D 128 -13.85 17.91 -13.18
CA SER D 128 -14.48 16.92 -14.03
C SER D 128 -13.55 15.71 -14.12
N PHE D 129 -14.10 14.60 -14.59
CA PHE D 129 -13.38 13.33 -14.62
C PHE D 129 -12.76 13.10 -15.99
N ASP D 130 -11.54 12.57 -16.00
CA ASP D 130 -10.97 12.13 -17.27
C ASP D 130 -11.78 10.95 -17.81
N GLU D 131 -11.46 10.53 -19.04
CA GLU D 131 -12.29 9.52 -19.69
C GLU D 131 -12.19 8.16 -19.00
N THR D 132 -10.98 7.78 -18.57
CA THR D 132 -10.81 6.56 -17.78
C THR D 132 -11.65 6.58 -16.51
N CYS D 133 -11.60 7.67 -15.75
CA CYS D 133 -12.40 7.70 -14.52
C CYS D 133 -13.88 7.75 -14.82
N THR D 134 -14.28 8.45 -15.89
CA THR D 134 -15.69 8.50 -16.26
C THR D 134 -16.21 7.13 -16.63
N ARG D 135 -15.42 6.38 -17.40
CA ARG D 135 -15.85 5.07 -17.81
C ARG D 135 -16.02 4.16 -16.61
N PHE D 136 -15.11 4.27 -15.65
CA PHE D 136 -15.13 3.34 -14.52
C PHE D 136 -16.33 3.61 -13.62
N TYR D 137 -16.56 4.87 -13.25
CA TYR D 137 -17.69 5.09 -12.34
C TYR D 137 -19.03 4.94 -13.07
N THR D 138 -19.08 5.26 -14.37
CA THR D 138 -20.30 4.97 -15.13
C THR D 138 -20.58 3.48 -15.17
N ALA D 139 -19.53 2.67 -15.33
CA ALA D 139 -19.70 1.22 -15.36
C ALA D 139 -20.32 0.70 -14.06
N GLU D 140 -19.75 1.09 -12.92
CA GLU D 140 -20.30 0.72 -11.62
C GLU D 140 -21.78 1.12 -11.49
N ILE D 141 -22.13 2.35 -11.91
CA ILE D 141 -23.55 2.73 -11.83
C ILE D 141 -24.40 1.83 -12.71
N VAL D 142 -23.94 1.57 -13.94
CA VAL D 142 -24.73 0.72 -14.83
C VAL D 142 -24.91 -0.65 -14.22
N SER D 143 -23.83 -1.21 -13.67
CA SER D 143 -23.93 -2.51 -13.01
C SER D 143 -24.91 -2.45 -11.85
N ALA D 144 -24.88 -1.37 -11.06
CA ALA D 144 -25.82 -1.21 -9.95
C ALA D 144 -27.25 -1.16 -10.45
N LEU D 145 -27.53 -0.31 -11.45
CA LEU D 145 -28.88 -0.23 -12.03
C LEU D 145 -29.36 -1.56 -12.61
N GLU D 146 -28.48 -2.31 -13.30
CA GLU D 146 -28.85 -3.64 -13.80
C GLU D 146 -29.31 -4.54 -12.67
N TYR D 147 -28.64 -4.49 -11.52
CA TYR D 147 -29.07 -5.29 -10.38
C TYR D 147 -30.39 -4.80 -9.82
N LEU D 148 -30.50 -3.48 -9.58
CA LEU D 148 -31.70 -2.92 -8.96
C LEU D 148 -32.93 -3.14 -9.84
N HIS D 149 -32.85 -2.73 -11.11
CA HIS D 149 -33.97 -2.94 -12.03
C HIS D 149 -34.31 -4.40 -12.18
N GLY D 150 -33.31 -5.29 -12.08
CA GLY D 150 -33.59 -6.71 -12.11
C GLY D 150 -34.52 -7.12 -10.99
N LYS D 151 -34.48 -6.42 -9.86
CA LYS D 151 -35.34 -6.76 -8.74
C LYS D 151 -36.63 -5.96 -8.75
N GLY D 152 -37.00 -5.38 -9.89
CA GLY D 152 -38.26 -4.66 -10.02
C GLY D 152 -38.33 -3.37 -9.21
N ILE D 153 -37.22 -2.69 -9.00
CA ILE D 153 -37.14 -1.53 -8.12
C ILE D 153 -36.64 -0.34 -8.94
N ILE D 154 -37.39 0.76 -8.91
CA ILE D 154 -36.93 2.04 -9.45
C ILE D 154 -36.35 2.87 -8.31
N HIS D 155 -35.24 3.57 -8.58
CA HIS D 155 -34.65 4.40 -7.53
C HIS D 155 -35.35 5.76 -7.42
N ARG D 156 -35.50 6.45 -8.55
CA ARG D 156 -36.27 7.67 -8.75
C ARG D 156 -35.58 8.93 -8.26
N ASP D 157 -34.49 8.84 -7.49
CA ASP D 157 -33.75 10.05 -7.09
C ASP D 157 -32.26 9.83 -7.22
N LEU D 158 -31.84 9.24 -8.33
CA LEU D 158 -30.42 8.97 -8.51
C LEU D 158 -29.72 10.25 -8.92
N LYS D 159 -28.55 10.48 -8.32
CA LYS D 159 -27.82 11.74 -8.44
C LYS D 159 -26.49 11.60 -7.71
N PRO D 160 -25.50 12.43 -8.05
CA PRO D 160 -24.17 12.26 -7.45
C PRO D 160 -24.12 12.37 -5.93
N GLU D 161 -25.11 12.97 -5.29
CA GLU D 161 -25.09 13.04 -3.83
C GLU D 161 -25.61 11.76 -3.19
N ASN D 162 -26.36 10.95 -3.94
CA ASN D 162 -26.86 9.67 -3.48
C ASN D 162 -25.97 8.52 -3.91
N ILE D 163 -24.80 8.80 -4.45
CA ILE D 163 -23.87 7.75 -4.83
C ILE D 163 -22.67 7.90 -3.91
N LEU D 164 -22.58 7.05 -2.88
CA LEU D 164 -21.50 7.24 -1.93
C LEU D 164 -20.30 6.40 -2.35
N LEU D 165 -19.17 6.62 -1.68
CA LEU D 165 -17.94 5.92 -1.98
C LEU D 165 -17.38 5.30 -0.70
N ASN D 166 -17.06 4.01 -0.77
CA ASN D 166 -16.56 3.32 0.41
C ASN D 166 -15.07 3.62 0.55
N GLU D 167 -14.39 2.88 1.42
CA GLU D 167 -12.98 3.17 1.64
C GLU D 167 -12.15 2.94 0.37
N ASP D 168 -12.54 1.97 -0.45
CA ASP D 168 -11.76 1.64 -1.63
C ASP D 168 -12.17 2.39 -2.87
N MET D 169 -12.97 3.44 -2.73
CA MET D 169 -13.43 4.28 -3.85
C MET D 169 -14.36 3.55 -4.81
N HIS D 170 -15.01 2.49 -4.36
CA HIS D 170 -16.14 1.91 -5.07
C HIS D 170 -17.45 2.56 -4.64
N ILE D 171 -18.41 2.63 -5.57
CA ILE D 171 -19.64 3.36 -5.32
C ILE D 171 -20.52 2.58 -4.34
N GLN D 172 -21.36 3.32 -3.62
CA GLN D 172 -22.32 2.79 -2.68
C GLN D 172 -23.56 3.65 -2.87
N ILE D 173 -24.55 3.16 -3.58
CA ILE D 173 -25.75 3.94 -3.82
C ILE D 173 -26.67 3.81 -2.60
N THR D 174 -27.34 4.91 -2.26
CA THR D 174 -28.17 4.95 -1.06
C THR D 174 -29.35 5.88 -1.32
N ASP D 175 -30.15 6.11 -0.27
CA ASP D 175 -31.35 6.95 -0.24
C ASP D 175 -32.53 6.29 -0.94
N PHE D 176 -33.21 5.38 -0.23
CA PHE D 176 -34.27 4.56 -0.80
C PHE D 176 -35.64 4.85 -0.26
N GLY D 177 -35.80 5.86 0.60
CA GLY D 177 -37.13 6.25 1.02
C GLY D 177 -38.04 6.59 -0.14
N THR D 178 -37.45 7.02 -1.26
CA THR D 178 -38.20 7.41 -2.45
C THR D 178 -38.18 6.34 -3.54
N ALA D 179 -37.66 5.15 -3.25
CA ALA D 179 -37.70 4.06 -4.21
C ALA D 179 -39.14 3.60 -4.44
N LYS D 180 -39.41 3.14 -5.66
CA LYS D 180 -40.69 2.57 -6.03
C LYS D 180 -40.49 1.09 -6.35
N VAL D 181 -41.31 0.24 -5.74
CA VAL D 181 -41.29 -1.20 -6.00
C VAL D 181 -42.45 -1.52 -6.94
N LEU D 182 -42.13 -2.09 -8.09
CA LEU D 182 -43.13 -2.41 -9.10
C LEU D 182 -43.97 -3.64 -8.72
CA ASN D 192 -46.14 7.14 -9.21
C ASN D 192 -46.43 8.48 -8.55
N SEP D 193 -45.71 8.78 -7.47
CA SEP D 193 -45.83 10.06 -6.77
CB SEP D 193 -45.51 9.88 -5.28
OG SEP D 193 -46.39 8.93 -4.68
C SEP D 193 -44.90 11.09 -7.40
O SEP D 193 -44.25 10.81 -8.41
P SEP D 193 -45.63 7.54 -4.33
O1P SEP D 193 -44.14 7.88 -3.82
O2P SEP D 193 -45.55 6.59 -5.64
O3P SEP D 193 -46.43 6.79 -3.17
N PHE D 194 -44.81 12.29 -6.81
CA PHE D 194 -43.89 13.31 -7.34
C PHE D 194 -42.61 13.45 -6.51
N VAL D 195 -41.56 12.75 -6.92
CA VAL D 195 -40.28 12.74 -6.21
C VAL D 195 -39.14 12.94 -7.20
N GLY D 196 -37.97 13.25 -6.66
CA GLY D 196 -36.78 13.40 -7.44
C GLY D 196 -36.08 14.71 -7.15
N THR D 197 -35.13 15.04 -8.02
CA THR D 197 -34.35 16.26 -7.95
C THR D 197 -34.34 16.87 -9.34
N ALA D 198 -34.66 18.17 -9.41
CA ALA D 198 -35.01 18.83 -10.67
C ALA D 198 -34.01 18.55 -11.77
N GLN D 199 -32.72 18.70 -11.48
CA GLN D 199 -31.70 18.54 -12.52
C GLN D 199 -31.60 17.12 -13.06
N TYR D 200 -32.15 16.13 -12.36
CA TYR D 200 -32.04 14.74 -12.76
C TYR D 200 -33.39 14.07 -12.97
N VAL D 201 -34.46 14.83 -12.96
CA VAL D 201 -35.79 14.24 -13.06
C VAL D 201 -36.13 14.07 -14.53
N SER D 202 -36.81 13.00 -14.84
CA SER D 202 -37.06 12.61 -16.22
C SER D 202 -38.32 13.28 -16.75
N PRO D 203 -38.38 13.50 -18.07
CA PRO D 203 -39.55 14.17 -18.63
C PRO D 203 -40.86 13.48 -18.33
N GLU D 204 -40.87 12.14 -18.23
CA GLU D 204 -42.14 11.46 -17.98
C GLU D 204 -42.69 11.78 -16.60
N LEU D 205 -41.84 12.18 -15.66
CA LEU D 205 -42.34 12.59 -14.37
C LEU D 205 -43.14 13.89 -14.47
N LEU D 206 -42.57 14.91 -15.12
CA LEU D 206 -43.29 16.18 -15.22
C LEU D 206 -44.22 16.22 -16.41
N THR D 207 -44.69 15.08 -16.90
CA THR D 207 -45.65 15.05 -17.99
C THR D 207 -46.76 14.06 -17.66
N GLU D 208 -46.41 12.87 -17.21
CA GLU D 208 -47.38 11.85 -16.88
C GLU D 208 -47.45 11.53 -15.40
N LYS D 209 -46.53 12.09 -14.60
CA LYS D 209 -46.47 11.87 -13.15
C LYS D 209 -46.33 10.40 -12.78
N SER D 210 -45.76 9.59 -13.69
CA SER D 210 -45.46 8.20 -13.40
C SER D 210 -44.01 7.91 -13.76
N ALA D 211 -43.28 7.34 -12.82
CA ALA D 211 -41.91 6.96 -13.10
C ALA D 211 -41.85 5.49 -13.51
N CYS D 212 -40.76 5.13 -14.19
CA CYS D 212 -40.49 3.78 -14.63
C CYS D 212 -38.99 3.55 -14.55
N LYS D 213 -38.58 2.29 -14.73
CA LYS D 213 -37.15 1.99 -14.63
C LYS D 213 -36.32 2.90 -15.54
N SER D 214 -36.86 3.25 -16.71
CA SER D 214 -36.09 4.04 -17.65
C SER D 214 -35.81 5.45 -17.13
N SER D 215 -36.63 5.95 -16.18
CA SER D 215 -36.34 7.23 -15.53
C SER D 215 -34.97 7.26 -14.86
N ASP D 216 -34.57 6.15 -14.22
CA ASP D 216 -33.20 6.06 -13.71
C ASP D 216 -32.16 6.18 -14.82
N LEU D 217 -32.46 5.69 -16.02
CA LEU D 217 -31.50 5.78 -17.13
C LEU D 217 -31.34 7.20 -17.61
N TRP D 218 -32.44 7.97 -17.58
CA TRP D 218 -32.32 9.41 -17.83
C TRP D 218 -31.39 10.05 -16.83
N ALA D 219 -31.54 9.71 -15.55
CA ALA D 219 -30.67 10.28 -14.52
C ALA D 219 -29.22 9.85 -14.74
N LEU D 220 -29.01 8.57 -15.05
CA LEU D 220 -27.68 8.10 -15.47
C LEU D 220 -27.13 8.95 -16.61
N GLY D 221 -27.97 9.24 -17.60
CA GLY D 221 -27.58 10.19 -18.63
C GLY D 221 -27.06 11.50 -18.07
N CYS D 222 -27.85 12.15 -17.20
CA CYS D 222 -27.41 13.42 -16.61
C CYS D 222 -26.10 13.25 -15.82
N ILE D 223 -25.96 12.15 -15.08
CA ILE D 223 -24.77 11.92 -14.27
C ILE D 223 -23.53 11.79 -15.14
N ILE D 224 -23.60 11.02 -16.24
CA ILE D 224 -22.44 10.90 -17.14
C ILE D 224 -22.04 12.27 -17.66
N TYR D 225 -23.02 13.03 -18.16
CA TYR D 225 -22.74 14.38 -18.66
C TYR D 225 -22.07 15.22 -17.58
N GLN D 226 -22.54 15.11 -16.33
CA GLN D 226 -21.92 15.86 -15.25
C GLN D 226 -20.50 15.39 -14.98
N LEU D 227 -20.24 14.08 -15.04
CA LEU D 227 -18.88 13.62 -14.80
C LEU D 227 -17.89 14.27 -15.77
N VAL D 228 -18.23 14.32 -17.06
CA VAL D 228 -17.22 14.76 -18.02
C VAL D 228 -17.23 16.27 -18.25
N ALA D 229 -18.40 16.92 -18.17
CA ALA D 229 -18.44 18.38 -18.32
C ALA D 229 -18.33 19.14 -17.00
N GLY D 230 -18.57 18.49 -15.87
CA GLY D 230 -18.42 19.13 -14.58
C GLY D 230 -19.69 19.69 -13.99
N LEU D 231 -20.74 19.82 -14.80
CA LEU D 231 -22.03 20.37 -14.43
C LEU D 231 -23.11 19.49 -15.06
N PRO D 232 -24.29 19.41 -14.45
CA PRO D 232 -25.38 18.62 -15.05
C PRO D 232 -25.96 19.35 -16.25
N PRO D 233 -26.58 18.63 -17.20
CA PRO D 233 -26.83 19.25 -18.52
C PRO D 233 -27.91 20.33 -18.53
N PHE D 234 -28.92 20.24 -17.67
CA PHE D 234 -30.08 21.15 -17.68
C PHE D 234 -29.96 22.11 -16.50
N ARG D 235 -29.49 23.33 -16.78
CA ARG D 235 -29.24 24.33 -15.76
C ARG D 235 -30.08 25.58 -16.02
N ALA D 236 -30.45 26.29 -14.95
CA ALA D 236 -31.24 27.51 -15.09
C ALA D 236 -31.39 28.16 -13.72
N GLY D 237 -32.05 29.33 -13.71
CA GLY D 237 -32.10 30.15 -12.51
C GLY D 237 -33.09 29.66 -11.47
N ASN D 238 -34.20 29.08 -11.91
CA ASN D 238 -35.19 28.53 -10.99
C ASN D 238 -35.48 27.07 -11.36
N GLU D 239 -36.22 26.38 -10.48
CA GLU D 239 -36.62 25.02 -10.77
C GLU D 239 -37.36 24.93 -12.10
N GLY D 240 -38.25 25.89 -12.34
CA GLY D 240 -39.16 25.78 -13.47
C GLY D 240 -38.45 25.90 -14.80
N LEU D 241 -37.50 26.83 -14.92
CA LEU D 241 -36.79 26.93 -16.18
C LEU D 241 -35.95 25.68 -16.44
N ILE D 242 -35.50 25.00 -15.37
CA ILE D 242 -34.86 23.71 -15.54
C ILE D 242 -35.87 22.69 -16.04
N PHE D 243 -37.11 22.76 -15.52
CA PHE D 243 -38.15 21.88 -16.03
C PHE D 243 -38.44 22.13 -17.50
N ALA D 244 -38.50 23.41 -17.89
CA ALA D 244 -38.73 23.74 -19.30
C ALA D 244 -37.63 23.15 -20.18
N LYS D 245 -36.38 23.23 -19.73
CA LYS D 245 -35.29 22.76 -20.56
C LYS D 245 -35.34 21.24 -20.73
N ILE D 246 -35.80 20.52 -19.70
CA ILE D 246 -35.86 19.07 -19.76
C ILE D 246 -36.86 18.61 -20.83
N ILE D 247 -38.06 19.18 -20.85
CA ILE D 247 -39.07 18.67 -21.77
C ILE D 247 -38.73 19.04 -23.19
N LYS D 248 -38.01 20.15 -23.37
CA LYS D 248 -37.54 20.52 -24.70
C LYS D 248 -36.27 19.79 -25.10
N LEU D 249 -35.68 19.00 -24.20
CA LEU D 249 -34.37 18.39 -24.42
C LEU D 249 -33.39 19.48 -24.87
N GLU D 250 -33.34 20.54 -24.08
CA GLU D 250 -32.61 21.77 -24.41
C GLU D 250 -31.27 21.77 -23.66
N TYR D 251 -30.24 21.25 -24.30
CA TYR D 251 -28.91 21.30 -23.70
C TYR D 251 -27.83 21.15 -24.77
N ASP D 252 -26.61 21.53 -24.41
CA ASP D 252 -25.46 21.54 -25.31
C ASP D 252 -24.30 20.76 -24.71
N PHE D 253 -23.39 20.35 -25.58
CA PHE D 253 -22.15 19.69 -25.20
C PHE D 253 -21.00 20.66 -25.37
N PRO D 254 -20.13 20.81 -24.38
CA PRO D 254 -18.91 21.59 -24.57
C PRO D 254 -17.96 20.90 -25.54
N GLU D 255 -16.87 21.61 -25.87
CA GLU D 255 -16.16 21.34 -27.12
C GLU D 255 -15.52 19.95 -27.13
N LYS D 256 -14.73 19.64 -26.12
CA LYS D 256 -13.93 18.42 -26.14
C LYS D 256 -14.60 17.28 -25.37
N PHE D 257 -15.92 17.20 -25.42
CA PHE D 257 -16.67 16.14 -24.75
C PHE D 257 -16.30 14.79 -25.37
N PHE D 258 -15.87 13.84 -24.53
CA PHE D 258 -15.41 12.55 -25.02
C PHE D 258 -16.47 11.97 -25.96
N PRO D 259 -16.14 11.74 -27.23
CA PRO D 259 -17.16 11.34 -28.21
C PRO D 259 -17.92 10.06 -27.87
N LYS D 260 -17.26 9.01 -27.37
CA LYS D 260 -18.02 7.83 -26.95
C LYS D 260 -19.03 8.19 -25.86
N ALA D 261 -18.64 9.05 -24.91
CA ALA D 261 -19.54 9.39 -23.82
C ALA D 261 -20.70 10.26 -24.32
N ARG D 262 -20.43 11.14 -25.27
CA ARG D 262 -21.53 11.91 -25.87
C ARG D 262 -22.51 11.00 -26.61
N ASP D 263 -21.99 10.00 -27.34
CA ASP D 263 -22.90 9.09 -28.01
C ASP D 263 -23.78 8.36 -27.00
N LEU D 264 -23.18 7.87 -25.91
CA LEU D 264 -23.96 7.22 -24.87
C LEU D 264 -24.97 8.18 -24.24
N VAL D 265 -24.53 9.39 -23.87
CA VAL D 265 -25.48 10.37 -23.32
C VAL D 265 -26.61 10.65 -24.30
N GLU D 266 -26.31 10.75 -25.60
CA GLU D 266 -27.37 11.02 -26.57
C GLU D 266 -28.36 9.85 -26.69
N LYS D 267 -27.96 8.64 -26.30
CA LYS D 267 -28.87 7.51 -26.30
C LYS D 267 -29.55 7.29 -24.96
N LEU D 268 -29.19 8.07 -23.95
CA LEU D 268 -29.90 8.06 -22.68
C LEU D 268 -30.87 9.23 -22.54
N LEU D 269 -30.43 10.45 -22.88
CA LEU D 269 -31.26 11.63 -22.74
C LEU D 269 -32.22 11.69 -23.93
N VAL D 270 -33.21 10.81 -23.89
CA VAL D 270 -34.14 10.62 -24.97
C VAL D 270 -35.53 10.76 -24.37
N LEU D 271 -36.34 11.65 -24.95
CA LEU D 271 -37.61 12.03 -24.32
C LEU D 271 -38.52 10.83 -24.16
N ASP D 272 -38.67 10.04 -25.21
CA ASP D 272 -39.43 8.80 -25.12
C ASP D 272 -38.70 7.82 -24.21
N ALA D 273 -39.33 7.46 -23.09
CA ALA D 273 -38.71 6.58 -22.10
C ALA D 273 -38.55 5.15 -22.60
N THR D 274 -39.18 4.78 -23.73
CA THR D 274 -39.08 3.46 -24.30
C THR D 274 -37.92 3.33 -25.26
N LYS D 275 -37.18 4.41 -25.51
CA LYS D 275 -36.09 4.40 -26.46
C LYS D 275 -34.77 4.73 -25.81
N ARG D 276 -34.69 4.63 -24.48
CA ARG D 276 -33.43 4.79 -23.77
C ARG D 276 -32.68 3.45 -23.74
N LEU D 277 -31.42 3.49 -24.17
CA LEU D 277 -30.56 2.33 -24.13
C LEU D 277 -30.51 1.79 -22.70
N GLY D 278 -30.77 0.48 -22.56
CA GLY D 278 -30.88 -0.17 -21.28
C GLY D 278 -32.31 -0.49 -20.87
N CYS D 279 -33.30 0.18 -21.45
CA CYS D 279 -34.66 -0.02 -20.96
C CYS D 279 -35.26 -1.27 -21.59
N GLU D 280 -36.37 -1.73 -21.00
CA GLU D 280 -36.94 -3.00 -21.41
C GLU D 280 -37.32 -3.02 -22.88
N GLU D 281 -37.96 -1.94 -23.36
CA GLU D 281 -38.36 -1.89 -24.77
C GLU D 281 -37.18 -1.87 -25.72
N MET D 282 -35.95 -1.71 -25.22
CA MET D 282 -34.73 -1.83 -26.02
C MET D 282 -33.90 -3.04 -25.61
N GLU D 283 -34.53 -4.01 -24.96
CA GLU D 283 -33.98 -5.32 -24.63
C GLU D 283 -32.93 -5.29 -23.52
N GLY D 284 -33.06 -4.36 -22.57
CA GLY D 284 -32.37 -4.50 -21.31
C GLY D 284 -30.92 -4.05 -21.35
N TYR D 285 -30.12 -4.63 -20.45
CA TYR D 285 -28.79 -4.13 -20.14
C TYR D 285 -27.69 -4.65 -21.05
N GLY D 286 -27.88 -5.80 -21.72
CA GLY D 286 -26.90 -6.29 -22.67
C GLY D 286 -26.49 -5.26 -23.73
N PRO D 287 -27.48 -4.70 -24.43
CA PRO D 287 -27.16 -3.62 -25.39
C PRO D 287 -26.49 -2.40 -24.76
N LEU D 288 -26.87 -1.99 -23.55
CA LEU D 288 -26.22 -0.84 -22.93
C LEU D 288 -24.80 -1.18 -22.52
N LYS D 289 -24.60 -2.33 -21.87
CA LYS D 289 -23.24 -2.74 -21.50
C LYS D 289 -22.37 -2.97 -22.73
N ALA D 290 -22.98 -3.24 -23.89
CA ALA D 290 -22.21 -3.42 -25.11
C ALA D 290 -21.90 -2.10 -25.81
N HIS D 291 -22.27 -0.96 -25.24
CA HIS D 291 -22.02 0.30 -25.92
C HIS D 291 -20.52 0.53 -26.06
N PRO D 292 -20.07 1.14 -27.16
CA PRO D 292 -18.62 1.29 -27.40
C PRO D 292 -17.86 1.95 -26.28
N PHE D 293 -18.58 2.72 -25.46
CA PHE D 293 -17.95 3.42 -24.35
C PHE D 293 -17.39 2.46 -23.31
N PHE D 294 -17.95 1.25 -23.21
CA PHE D 294 -17.55 0.31 -22.18
C PHE D 294 -16.65 -0.80 -22.68
N GLU D 295 -16.08 -0.63 -23.89
CA GLU D 295 -15.43 -1.74 -24.56
C GLU D 295 -14.36 -2.40 -23.70
N SER D 296 -13.58 -1.60 -22.97
CA SER D 296 -12.48 -2.16 -22.20
C SER D 296 -12.89 -2.63 -20.81
N VAL D 297 -14.18 -2.58 -20.50
CA VAL D 297 -14.66 -2.89 -19.15
C VAL D 297 -14.87 -4.39 -19.03
N THR D 298 -14.43 -4.96 -17.90
CA THR D 298 -14.77 -6.34 -17.57
C THR D 298 -15.78 -6.31 -16.42
N TRP D 299 -16.99 -6.76 -16.70
CA TRP D 299 -18.09 -6.60 -15.76
C TRP D 299 -18.06 -7.64 -14.64
N GLU D 300 -17.45 -8.80 -14.90
CA GLU D 300 -17.47 -9.92 -13.96
C GLU D 300 -16.90 -9.55 -12.60
N ASN D 301 -16.08 -8.49 -12.51
CA ASN D 301 -15.36 -8.22 -11.26
C ASN D 301 -15.06 -6.75 -11.09
N LEU D 302 -15.97 -5.87 -11.54
CA LEU D 302 -15.74 -4.43 -11.39
C LEU D 302 -15.43 -4.09 -9.95
N HIS D 303 -16.17 -4.68 -9.02
CA HIS D 303 -16.07 -4.33 -7.61
C HIS D 303 -14.73 -4.75 -6.99
N GLN D 304 -13.98 -5.64 -7.63
CA GLN D 304 -12.68 -6.06 -7.12
C GLN D 304 -11.52 -5.34 -7.77
N GLN D 305 -11.75 -4.67 -8.89
CA GLN D 305 -10.72 -3.86 -9.52
C GLN D 305 -10.44 -2.63 -8.68
N THR D 306 -9.21 -2.13 -8.76
CA THR D 306 -8.83 -0.92 -8.05
C THR D 306 -9.22 0.30 -8.87
N PRO D 307 -10.07 1.19 -8.37
CA PRO D 307 -10.55 2.30 -9.18
C PRO D 307 -9.39 3.16 -9.65
N PRO D 308 -9.51 3.76 -10.84
CA PRO D 308 -8.48 4.72 -11.26
C PRO D 308 -8.42 5.88 -10.28
N LYS D 309 -7.22 6.41 -10.06
CA LYS D 309 -7.10 7.53 -9.15
C LYS D 309 -7.72 8.76 -9.82
N LEU D 310 -8.34 9.60 -9.00
CA LEU D 310 -9.18 10.66 -9.56
C LEU D 310 -8.33 11.77 -10.14
N THR D 311 -7.77 12.63 -9.30
CA THR D 311 -6.85 13.66 -9.79
C THR D 311 -7.36 14.42 -11.02
N PHE E 8 -34.40 -32.83 4.44
CA PHE E 8 -33.84 -31.70 5.19
C PHE E 8 -34.76 -30.46 5.10
N PRO E 9 -35.83 -30.44 5.89
CA PRO E 9 -36.77 -29.31 5.81
C PRO E 9 -36.14 -28.02 6.33
N GLN E 10 -36.60 -26.91 5.74
CA GLN E 10 -36.29 -25.55 6.17
C GLN E 10 -34.79 -25.29 6.36
N PHE E 11 -33.95 -26.22 5.88
CA PHE E 11 -32.49 -26.11 5.98
C PHE E 11 -31.98 -24.90 5.23
N SEP E 12 -32.66 -24.57 4.15
CA SEP E 12 -32.31 -23.45 3.29
CB SEP E 12 -33.25 -23.45 2.08
OG SEP E 12 -33.30 -24.75 1.46
C SEP E 12 -32.42 -22.14 4.07
O SEP E 12 -33.29 -22.00 4.92
P SEP E 12 -34.55 -25.70 1.87
O1P SEP E 12 -34.17 -26.56 3.18
O2P SEP E 12 -34.85 -26.73 0.68
O3P SEP E 12 -35.90 -24.86 2.17
N TYR E 13 -31.53 -21.19 3.80
CA TYR E 13 -31.52 -19.89 4.46
C TYR E 13 -30.63 -18.89 3.73
N SER E 14 -31.05 -17.63 3.68
N PHE F 8 30.66 25.71 -24.91
CA PHE F 8 30.48 25.93 -23.47
C PHE F 8 31.56 25.26 -22.64
N PRO F 9 32.82 25.69 -22.87
CA PRO F 9 34.00 25.02 -22.32
C PRO F 9 33.83 23.76 -21.46
N GLN F 10 33.87 23.89 -20.14
CA GLN F 10 33.93 22.73 -19.24
C GLN F 10 32.60 22.47 -18.54
N PHE F 11 31.50 22.66 -19.27
CA PHE F 11 30.15 22.46 -18.76
C PHE F 11 29.92 21.06 -18.19
N SEP F 12 30.24 20.05 -19.01
CA SEP F 12 30.03 18.63 -18.72
CB SEP F 12 30.78 17.79 -19.76
OG SEP F 12 30.58 18.29 -21.08
C SEP F 12 30.46 18.25 -17.31
O SEP F 12 31.55 18.61 -16.87
P SEP F 12 31.86 19.10 -21.67
O1P SEP F 12 33.21 18.22 -21.62
O2P SEP F 12 32.09 20.46 -20.83
O3P SEP F 12 31.62 19.52 -23.21
N TYR F 13 29.59 17.53 -16.60
CA TYR F 13 29.77 17.26 -15.17
C TYR F 13 29.03 15.98 -14.75
N SER F 14 29.60 15.23 -13.80
CA SER F 14 28.94 14.06 -13.23
C SER F 14 29.11 14.01 -11.71
N ALA F 15 28.37 13.11 -11.05
CA ALA F 15 28.41 13.02 -9.59
N PHE G 8 47.73 6.49 3.74
CA PHE G 8 46.77 6.13 2.69
C PHE G 8 46.47 7.32 1.78
N PRO G 9 47.51 7.74 1.02
CA PRO G 9 47.51 9.08 0.38
C PRO G 9 46.17 9.66 -0.04
N GLN G 10 45.65 9.19 -1.18
CA GLN G 10 44.43 9.74 -1.76
C GLN G 10 43.32 8.70 -1.66
N PHE G 11 42.91 8.42 -0.43
CA PHE G 11 41.86 7.43 -0.16
C PHE G 11 40.49 8.10 -0.06
N SEP G 12 40.48 9.29 0.54
CA SEP G 12 39.27 10.09 0.72
CB SEP G 12 39.62 11.40 1.39
OG SEP G 12 40.50 11.21 2.49
C SEP G 12 38.58 10.34 -0.64
O SEP G 12 39.24 10.75 -1.59
P SEP G 12 42.05 11.55 2.12
O1P SEP G 12 42.31 13.14 2.16
O2P SEP G 12 42.40 10.99 0.66
O3P SEP G 12 43.04 10.86 3.20
N TYR G 13 37.28 10.10 -0.71
CA TYR G 13 36.54 10.14 -1.98
C TYR G 13 35.06 10.47 -1.76
N SER G 14 34.43 11.09 -2.76
CA SER G 14 32.98 11.34 -2.74
C SER G 14 32.36 11.17 -4.14
N ALA G 15 31.03 11.07 -4.20
CA ALA G 15 30.32 10.91 -5.47
N PHE H 8 -44.77 0.70 16.08
CA PHE H 8 -43.91 0.18 15.02
C PHE H 8 -43.61 -1.32 15.18
N PRO H 9 -44.64 -2.16 15.00
CA PRO H 9 -44.46 -3.59 15.25
C PRO H 9 -43.59 -4.26 14.20
N GLN H 10 -42.80 -5.23 14.66
CA GLN H 10 -41.92 -6.07 13.83
C GLN H 10 -40.89 -5.26 13.04
N PHE H 11 -40.75 -3.97 13.32
CA PHE H 11 -39.75 -3.13 12.64
C PHE H 11 -38.34 -3.70 12.85
N SEP H 12 -38.05 -4.06 14.10
CA SEP H 12 -36.76 -4.63 14.51
CB SEP H 12 -36.88 -5.06 15.99
OG SEP H 12 -37.54 -4.05 16.78
C SEP H 12 -36.37 -5.80 13.62
O SEP H 12 -37.01 -6.85 13.65
P SEP H 12 -38.94 -4.48 17.51
O1P SEP H 12 -39.41 -3.32 18.50
O2P SEP H 12 -38.78 -5.85 18.36
O3P SEP H 12 -40.13 -4.70 16.43
N TYR H 13 -35.30 -5.63 12.82
CA TYR H 13 -35.01 -6.53 11.68
C TYR H 13 -33.66 -7.27 11.76
N SER H 14 -32.79 -6.87 12.69
CA SER H 14 -31.49 -7.51 12.95
C SER H 14 -31.27 -8.92 12.35
PG ATP I . 11.23 29.05 -16.43
O1G ATP I . 12.14 28.19 -17.28
O2G ATP I . 10.61 30.20 -17.18
O3G ATP I . 11.81 29.43 -15.08
PB ATP I . 10.06 26.74 -15.32
O1B ATP I . 11.01 26.91 -14.16
O2B ATP I . 8.66 26.21 -15.12
O3B ATP I . 9.93 28.16 -16.10
PA ATP I . 11.68 24.59 -16.18
O1A ATP I . 12.32 24.16 -17.47
O2A ATP I . 12.60 24.82 -15.00
O3A ATP I . 10.82 25.92 -16.47
O5' ATP I . 10.47 23.57 -15.83
C5' ATP I . 9.30 23.55 -16.67
C4' ATP I . 8.32 22.49 -16.16
O4' ATP I . 8.95 21.21 -16.02
C3' ATP I . 7.73 22.87 -14.81
O3' ATP I . 6.32 22.86 -14.89
C2' ATP I . 8.16 21.79 -13.86
O2' ATP I . 7.13 21.37 -12.95
C1' ATP I . 8.60 20.65 -14.75
N9 ATP I . 9.80 20.09 -14.11
C8 ATP I . 11.00 20.71 -14.04
N7 ATP I . 11.89 19.95 -13.36
C5 ATP I . 11.26 18.81 -13.00
C6 ATP I . 11.62 17.58 -12.27
N6 ATP I . 12.87 17.43 -11.77
N1 ATP I . 10.66 16.63 -12.10
C2 ATP I . 9.41 16.80 -12.58
N3 ATP I . 9.03 17.90 -13.25
C4 ATP I . 9.88 18.93 -13.48
PG ATP J . 34.22 -11.07 5.36
O1G ATP J . 34.59 -9.63 5.13
O2G ATP J . 34.94 -11.70 6.52
O3G ATP J . 34.12 -11.93 4.11
PB ATP J . 31.62 -9.98 5.43
O1B ATP J . 31.74 -9.78 3.94
O2B ATP J . 30.34 -10.46 6.07
O3B ATP J . 32.72 -11.05 5.94
PA ATP J . 31.63 -7.11 5.74
O1A ATP J . 32.44 -6.16 6.59
O2A ATP J . 31.65 -6.94 4.25
O3A ATP J . 32.12 -8.61 6.14
O5' ATP J . 30.11 -7.09 6.28
C5' ATP J . 29.76 -7.67 7.54
C4' ATP J . 28.25 -7.69 7.67
O4' ATP J . 27.74 -6.37 7.55
C3' ATP J . 27.60 -8.50 6.56
O3' ATP J . 27.05 -9.72 7.07
C2' ATP J . 26.44 -7.67 6.06
O2' ATP J . 25.22 -8.33 6.40
C1' ATP J . 26.51 -6.37 6.81
N9 ATP J . 26.48 -5.29 5.80
C8 ATP J . 27.52 -4.94 5.01
N7 ATP J . 27.18 -3.94 4.16
C5 ATP J . 25.91 -3.62 4.41
C6 ATP J . 24.94 -2.65 3.88
N6 ATP J . 25.36 -1.84 2.90
N1 ATP J . 23.68 -2.61 4.38
C2 ATP J . 23.31 -3.45 5.37
N3 ATP J . 24.15 -4.36 5.90
C4 ATP J . 25.43 -4.51 5.48
CL CL K . 21.25 8.36 -5.17
PG ATP L . -12.16 -32.85 7.67
O1G ATP L . -10.83 -32.63 8.37
O2G ATP L . -12.30 -34.16 6.93
O3G ATP L . -13.38 -32.49 8.50
PB ATP L . -12.25 -30.22 6.63
O1B ATP L . -10.84 -29.63 6.57
O2B ATP L . -13.23 -29.90 7.74
O3B ATP L . -12.14 -31.81 6.45
PA ATP L . -13.90 -28.61 5.05
O1A ATP L . -14.12 -27.86 6.35
O2A ATP L . -15.11 -29.00 4.27
O3A ATP L . -13.04 -29.94 5.27
O5' ATP L . -12.85 -27.81 4.11
C5' ATP L . -11.68 -28.43 3.58
C4' ATP L . -10.67 -27.36 3.20
O4' ATP L . -11.24 -26.35 2.36
C3' ATP L . -10.17 -26.60 4.43
O3' ATP L . -9.06 -27.26 5.05
C2' ATP L . -9.77 -25.25 3.87
O2' ATP L . -8.43 -25.35 3.38
C1' ATP L . -10.67 -25.06 2.68
N9 ATP L . -11.71 -24.08 3.09
C8 ATP L . -12.77 -24.35 3.87
N7 ATP L . -13.53 -23.23 4.06
C5 ATP L . -12.96 -22.23 3.38
C6 ATP L . -13.23 -20.79 3.19
N6 ATP L . -14.31 -20.18 3.75
N1 ATP L . -12.36 -20.09 2.42
C2 ATP L . -11.29 -20.65 1.85
N3 ATP L . -10.98 -21.94 2.01
C4 ATP L . -11.75 -22.77 2.76
CL CL M . -21.10 -8.47 4.73
PG ATP N . -32.80 14.62 2.69
O1G ATP N . -32.94 16.11 2.48
O2G ATP N . -33.62 14.07 3.84
O3G ATP N . -32.89 13.84 1.41
PB ATP N . -30.38 13.14 3.13
O1B ATP N . -29.01 13.58 2.63
O2B ATP N . -31.16 12.06 2.41
O3B ATP N . -31.28 14.48 3.22
PA ATP N . -29.75 11.25 5.18
O1A ATP N . -29.77 10.28 4.01
O2A ATP N . -30.54 10.87 6.41
O3A ATP N . -30.28 12.70 4.69
O5' ATP N . -28.22 11.57 5.59
C5' ATP N . -27.61 12.83 5.29
C4' ATP N . -26.09 12.75 5.30
O4' ATP N . -25.63 11.51 5.87
C3' ATP N . -25.47 12.83 3.92
O3' ATP N . -24.34 13.70 4.00
C2' ATP N . -24.83 11.51 3.66
O2' ATP N . -23.62 11.72 2.94
C1' ATP N . -24.57 11.00 5.07
N9 ATP N . -24.67 9.54 5.03
C8 ATP N . -25.84 8.87 4.89
N7 ATP N . -25.62 7.51 4.86
C5 ATP N . -24.30 7.36 4.99
C6 ATP N . -23.43 6.20 5.03
N6 ATP N . -24.01 4.99 4.93
N1 ATP N . -22.10 6.40 5.17
C2 ATP N . -21.57 7.63 5.26
N3 ATP N . -22.32 8.75 5.21
C4 ATP N . -23.67 8.68 5.09
#